data_5Y19
#
_entry.id   5Y19
#
_cell.length_a   74.988
_cell.length_b   109.258
_cell.length_c   112.238
_cell.angle_alpha   90.000
_cell.angle_beta   90.000
_cell.angle_gamma   90.000
#
_symmetry.space_group_name_H-M   'P 21 21 21'
#
loop_
_entity.id
_entity.type
_entity.pdbx_description
1 polymer 'M1 family aminopeptidase'
2 non-polymer 'ZINC ION'
3 non-polymer 'MAGNESIUM ION'
4 non-polymer GLYCEROL
5 non-polymer (2S)-2-[[(2S,3R)-3-azanyl-2-oxidanyl-4-phenyl-butanoyl]amino]-4-methyl-N-oxidanyl-pentanamide
6 water water
#
_entity_poly.entity_id   1
_entity_poly.type   'polypeptide(L)'
_entity_poly.pdbx_seq_one_letter_code
;MGSSHHHHHHSSGLVPRGSHMASEPKIHYRKDYKPSGFIINNVTLNINIHDNETIVRSVLDMDISKHNVGEDLVFDGVGL
KINEISINNKKLVEGEEYTYDNEFLTIFSKFVPKSKFAFSSEVIIHPETNYALTGLYKSKNIIVSQCEATGFRRITFFID
RPDMMAKYDVTVTADKEKYPVLLSNGDKVNEFEIPGGRHGARFNDPHLKPCYLFAVVAGDLKHLSATYITKYTKKKVELY
VFSEEKYVSKLQWALECLKKSMAFDEDYFGLEYDLSRLNLVAVSDFNVGAMENKGLNIFNANSLLASKKNSIDFSYARIL
TVVGHEYFHNYTGNRVTLRDWFQLTLKEGLTVHRENLFSEEMTKTVTTRLSHVDLLRSVQFLEDSSPLSHPIRPESYVSM
ENFYTTTVYDKGSEVMRMYLTILGEEYYKKGFDIYIKKNDGNTATCEDFNYAMEQAYKMKKADNSANLNQYLLWFSQSGT
PHVSFKYNYDAEKKQYSIHVNQYTKPDENQKEKKPLFIPISVGLINPENGKEMISQTTLELTKESDTFVFNNIAVKPIPS
LFRGFSAPVYIEDNLTDEERILLLKYDSDAFVRYNSCTNIYMKQILMNYNEFLKAKNEKLESFNLTPVNAQFIDAIKYLL
EDPHADAGFKSYIVSLPQDRYIINFVSNLDTDVLADTKEYIYKQIGDKLNDVYYKMFKSLEAKADDLTYFNDESHVDFDQ
MNMRTLRNTLLSLLSKAQYPNILNEIIEHSKSPYPSNWLTSLSVSAYFDKYFELYDKTYKLSKDDELLLQEWLKTVSRSD
RKDIYEILKKLENEVLKDSKNPNDIRAVYLPFTNNLRRFHDISGKGYKLIAEVITKTDKFNPMVATQLCEPFKLWNKLDT
KRQELMLNEMNTMLQEPNISNNLKEYLLRLTNKL
;
_entity_poly.pdbx_strand_id   A
#
loop_
_chem_comp.id
_chem_comp.type
_chem_comp.name
_chem_comp.formula
8KO non-polymer (2S)-2-[[(2S,3R)-3-azanyl-2-oxidanyl-4-phenyl-butanoyl]amino]-4-methyl-N-oxidanyl-pentanamide 'C16 H25 N3 O4'
GOL non-polymer GLYCEROL 'C3 H8 O3'
MG non-polymer 'MAGNESIUM ION' 'Mg 2'
ZN non-polymer 'ZINC ION' 'Zn 2'
#
# COMPACT_ATOMS: atom_id res chain seq x y z
N PRO A 25 -1.72 11.01 26.21
CA PRO A 25 -2.43 11.22 24.92
C PRO A 25 -4.01 10.92 24.90
N LYS A 26 -4.76 11.51 23.95
CA LYS A 26 -6.27 11.30 23.82
C LYS A 26 -6.83 10.04 22.96
N ILE A 27 -7.22 8.96 23.65
CA ILE A 27 -7.42 7.63 22.98
C ILE A 27 -8.88 7.28 22.67
N HIS A 28 -9.18 7.01 21.39
CA HIS A 28 -10.49 6.57 20.94
C HIS A 28 -10.55 5.02 20.99
N TYR A 29 -11.60 4.46 21.58
CA TYR A 29 -11.72 2.97 21.73
C TYR A 29 -12.88 2.46 20.90
N ARG A 30 -12.67 1.32 20.21
CA ARG A 30 -13.68 0.76 19.31
C ARG A 30 -15.01 0.50 20.03
N LYS A 31 -14.86 -0.06 21.22
CA LYS A 31 -16.01 -0.47 22.08
C LYS A 31 -16.87 0.72 22.48
N ASP A 32 -16.32 1.94 22.43
CA ASP A 32 -17.06 3.14 22.83
C ASP A 32 -17.91 3.77 21.76
N TYR A 33 -17.95 3.21 20.54
CA TYR A 33 -18.76 3.74 19.46
C TYR A 33 -20.24 4.00 19.90
N LYS A 34 -20.71 5.23 19.70
CA LYS A 34 -22.15 5.55 19.86
C LYS A 34 -22.62 6.50 18.77
N PRO A 35 -23.84 6.32 18.27
CA PRO A 35 -24.32 7.35 17.29
C PRO A 35 -24.39 8.76 17.89
N SER A 36 -24.28 9.78 17.06
CA SER A 36 -24.34 11.16 17.48
C SER A 36 -25.75 11.56 17.98
N GLY A 37 -25.77 12.55 18.84
CA GLY A 37 -27.00 13.19 19.23
C GLY A 37 -27.56 14.18 18.19
N PHE A 38 -26.83 14.36 17.08
CA PHE A 38 -27.14 15.29 16.01
C PHE A 38 -27.10 14.61 14.64
N ILE A 39 -27.74 15.26 13.69
CA ILE A 39 -27.75 14.87 12.31
C ILE A 39 -27.36 16.10 11.47
N ILE A 40 -26.51 15.91 10.49
CA ILE A 40 -26.26 16.99 9.51
C ILE A 40 -26.83 16.43 8.20
N ASN A 41 -27.86 17.08 7.65
CA ASN A 41 -28.51 16.65 6.42
C ASN A 41 -27.95 17.26 5.16
N ASN A 42 -27.66 18.53 5.23
CA ASN A 42 -27.13 19.24 4.04
C ASN A 42 -26.03 20.19 4.45
N VAL A 43 -25.09 20.38 3.50
CA VAL A 43 -23.93 21.19 3.71
C VAL A 43 -23.90 22.13 2.51
N THR A 44 -23.89 23.44 2.75
CA THR A 44 -23.84 24.38 1.64
C THR A 44 -22.61 25.25 1.88
N LEU A 45 -21.60 25.11 1.06
CA LEU A 45 -20.34 25.82 1.17
C LEU A 45 -20.11 26.87 0.07
N ASN A 46 -19.44 27.96 0.44
CA ASN A 46 -18.83 28.90 -0.47
C ASN A 46 -17.36 28.98 -0.03
N ILE A 47 -16.48 28.66 -0.97
CA ILE A 47 -15.06 28.70 -0.76
C ILE A 47 -14.48 29.76 -1.67
N ASN A 48 -13.98 30.85 -1.08
CA ASN A 48 -13.58 32.05 -1.83
C ASN A 48 -12.11 32.16 -1.63
N ILE A 49 -11.40 31.82 -2.71
CA ILE A 49 -9.96 31.69 -2.68
C ILE A 49 -9.37 33.03 -3.10
N HIS A 50 -8.51 33.58 -2.27
CA HIS A 50 -7.66 34.76 -2.62
C HIS A 50 -6.14 34.43 -2.41
N ASP A 51 -5.23 35.31 -2.87
CA ASP A 51 -3.81 35.05 -2.71
C ASP A 51 -3.38 34.77 -1.26
N ASN A 52 -3.84 35.59 -0.31
CA ASN A 52 -3.33 35.42 1.03
C ASN A 52 -4.38 35.02 2.07
N GLU A 53 -5.52 34.54 1.63
CA GLU A 53 -6.53 33.99 2.51
C GLU A 53 -7.61 33.28 1.67
N THR A 54 -8.17 32.23 2.27
CA THR A 54 -9.39 31.62 1.76
C THR A 54 -10.47 31.72 2.77
N ILE A 55 -11.63 32.23 2.33
CA ILE A 55 -12.81 32.41 3.20
C ILE A 55 -13.80 31.31 2.92
N VAL A 56 -14.19 30.59 3.96
CA VAL A 56 -15.09 29.52 3.84
C VAL A 56 -16.37 29.86 4.67
N ARG A 57 -17.46 30.02 3.96
CA ARG A 57 -18.78 30.22 4.53
C ARG A 57 -19.53 28.89 4.38
N SER A 58 -20.12 28.41 5.46
CA SER A 58 -20.75 27.12 5.49
C SER A 58 -22.07 27.15 6.26
N VAL A 59 -23.12 26.66 5.62
CA VAL A 59 -24.38 26.47 6.33
C VAL A 59 -24.63 24.95 6.45
N LEU A 60 -24.82 24.50 7.68
CA LEU A 60 -25.20 23.08 7.97
C LEU A 60 -26.69 23.02 8.36
N ASP A 61 -27.50 22.30 7.57
CA ASP A 61 -28.92 22.06 7.88
C ASP A 61 -28.92 20.84 8.79
N MET A 62 -29.16 21.12 10.05
CA MET A 62 -29.03 20.12 11.10
C MET A 62 -30.30 19.76 11.81
N ASP A 63 -30.23 18.68 12.60
CA ASP A 63 -31.43 18.23 13.36
C ASP A 63 -30.91 17.48 14.55
N ILE A 64 -31.81 17.17 15.45
CA ILE A 64 -31.55 16.43 16.66
C ILE A 64 -31.88 14.96 16.39
N SER A 65 -30.99 14.02 16.77
CA SER A 65 -31.25 12.59 16.53
C SER A 65 -32.06 12.00 17.71
N LYS A 66 -32.53 10.77 17.51
CA LYS A 66 -33.21 10.04 18.59
C LYS A 66 -32.29 9.69 19.76
N HIS A 67 -30.99 9.84 19.58
CA HIS A 67 -29.99 9.60 20.65
C HIS A 67 -29.68 10.83 21.50
N ASN A 68 -30.25 11.97 21.09
CA ASN A 68 -29.97 13.25 21.78
C ASN A 68 -30.46 13.23 23.21
N VAL A 69 -29.60 13.68 24.12
CA VAL A 69 -29.89 13.85 25.57
C VAL A 69 -29.69 15.28 26.05
N GLY A 70 -29.93 16.25 25.16
CA GLY A 70 -29.74 17.66 25.53
C GLY A 70 -28.31 18.10 25.76
N GLU A 71 -27.36 17.41 25.16
CA GLU A 71 -25.98 17.77 25.26
C GLU A 71 -25.56 19.04 24.47
N ASP A 72 -24.40 19.54 24.83
CA ASP A 72 -23.78 20.61 24.07
C ASP A 72 -23.56 20.10 22.66
N LEU A 73 -23.58 21.04 21.73
CA LEU A 73 -23.21 20.79 20.34
C LEU A 73 -21.73 21.08 20.13
N VAL A 74 -20.97 20.03 19.82
CA VAL A 74 -19.53 20.19 19.71
C VAL A 74 -19.06 19.82 18.32
N PHE A 75 -18.41 20.78 17.68
CA PHE A 75 -17.88 20.60 16.33
C PHE A 75 -16.38 20.42 16.40
N ASP A 76 -15.85 19.59 15.50
CA ASP A 76 -14.42 19.65 15.19
C ASP A 76 -14.10 20.83 14.32
N GLY A 77 -12.98 21.49 14.59
CA GLY A 77 -12.57 22.63 13.75
C GLY A 77 -11.16 22.99 14.18
N VAL A 78 -10.20 22.71 13.31
CA VAL A 78 -8.74 22.80 13.68
C VAL A 78 -8.09 23.93 12.89
N GLY A 79 -7.52 24.87 13.64
CA GLY A 79 -6.75 25.94 13.07
C GLY A 79 -7.56 26.97 12.31
N LEU A 80 -8.87 27.08 12.61
CA LEU A 80 -9.77 27.94 11.85
C LEU A 80 -9.82 29.34 12.50
N LYS A 81 -9.81 30.41 11.70
CA LYS A 81 -10.06 31.77 12.27
C LYS A 81 -11.54 32.13 12.11
N ILE A 82 -12.25 32.29 13.19
CA ILE A 82 -13.68 32.59 13.11
C ILE A 82 -14.00 34.03 12.74
N ASN A 83 -14.81 34.21 11.70
CA ASN A 83 -15.39 35.53 11.42
C ASN A 83 -16.74 35.65 12.04
N GLU A 84 -17.54 34.58 11.97
CA GLU A 84 -18.87 34.63 12.53
C GLU A 84 -19.45 33.24 12.72
N ILE A 85 -20.29 33.12 13.73
CA ILE A 85 -21.00 31.90 14.08
C ILE A 85 -22.47 32.32 14.29
N SER A 86 -23.42 31.60 13.71
CA SER A 86 -24.84 31.80 14.03
C SER A 86 -25.65 30.52 13.98
N ILE A 87 -26.78 30.52 14.71
CA ILE A 87 -27.81 29.48 14.58
C ILE A 87 -29.11 30.16 14.31
N ASN A 88 -29.78 29.75 13.24
CA ASN A 88 -31.06 30.32 12.83
C ASN A 88 -30.98 31.84 12.80
N ASN A 89 -29.90 32.38 12.21
CA ASN A 89 -29.73 33.86 12.13
C ASN A 89 -29.47 34.55 13.47
N LYS A 90 -29.39 33.84 14.59
CA LYS A 90 -28.96 34.47 15.84
C LYS A 90 -27.40 34.45 15.91
N LYS A 91 -26.70 35.59 15.98
CA LYS A 91 -25.25 35.59 16.16
C LYS A 91 -24.90 35.00 17.53
N LEU A 92 -23.95 34.07 17.56
CA LEU A 92 -23.35 33.53 18.78
C LEU A 92 -22.01 34.17 19.09
N VAL A 93 -21.75 34.38 20.38
CA VAL A 93 -20.60 35.15 20.83
C VAL A 93 -19.70 34.31 21.73
N GLU A 94 -18.39 34.42 21.48
CA GLU A 94 -17.37 33.69 22.19
C GLU A 94 -17.46 34.02 23.68
N GLY A 95 -17.37 33.02 24.53
CA GLY A 95 -17.45 33.20 25.99
C GLY A 95 -18.88 33.27 26.49
N GLU A 96 -19.86 33.42 25.63
CA GLU A 96 -21.22 33.57 26.05
C GLU A 96 -22.10 32.49 25.55
N GLU A 97 -22.10 32.25 24.25
CA GLU A 97 -22.87 31.11 23.75
C GLU A 97 -21.97 29.97 23.21
N TYR A 98 -20.67 30.23 22.97
CA TYR A 98 -19.79 29.21 22.48
C TYR A 98 -18.40 29.40 23.02
N THR A 99 -17.60 28.33 22.94
CA THR A 99 -16.15 28.44 23.21
C THR A 99 -15.44 27.79 22.06
N TYR A 100 -14.25 28.26 21.76
CA TYR A 100 -13.41 27.65 20.68
C TYR A 100 -11.98 27.67 21.13
N ASP A 101 -11.30 26.51 21.06
CA ASP A 101 -9.96 26.33 21.60
C ASP A 101 -9.00 25.93 20.50
N ASN A 102 -9.31 26.21 19.24
CA ASN A 102 -8.51 25.74 18.12
C ASN A 102 -8.61 24.33 17.69
N GLU A 103 -9.43 23.55 18.36
CA GLU A 103 -9.69 22.19 18.05
C GLU A 103 -11.20 21.84 18.00
N PHE A 104 -11.95 22.30 19.00
CA PHE A 104 -13.36 22.04 19.18
C PHE A 104 -14.09 23.34 19.42
N LEU A 105 -15.20 23.49 18.71
CA LEU A 105 -16.15 24.58 18.91
C LEU A 105 -17.30 23.99 19.68
N THR A 106 -17.54 24.53 20.89
CA THR A 106 -18.63 24.06 21.74
C THR A 106 -19.75 25.10 21.78
N ILE A 107 -20.91 24.69 21.33
CA ILE A 107 -22.10 25.52 21.49
C ILE A 107 -22.86 24.98 22.72
N PHE A 108 -23.04 25.85 23.71
CA PHE A 108 -23.72 25.44 24.94
C PHE A 108 -25.16 25.05 24.69
N SER A 109 -25.58 23.95 25.33
CA SER A 109 -26.84 23.28 25.03
C SER A 109 -28.06 24.24 25.09
N LYS A 110 -28.03 25.22 26.01
CA LYS A 110 -29.09 26.23 25.99
C LYS A 110 -29.34 26.90 24.67
N PHE A 111 -28.32 27.02 23.81
CA PHE A 111 -28.45 27.71 22.51
C PHE A 111 -28.55 26.79 21.33
N VAL A 112 -28.60 25.51 21.65
CA VAL A 112 -28.90 24.45 20.69
C VAL A 112 -30.39 24.19 20.54
N PRO A 113 -30.93 24.38 19.33
CA PRO A 113 -32.34 24.17 19.13
C PRO A 113 -32.75 22.71 19.34
N LYS A 114 -34.00 22.51 19.68
CA LYS A 114 -34.55 21.16 19.90
C LYS A 114 -35.19 20.53 18.66
N SER A 115 -35.18 21.19 17.51
CA SER A 115 -35.58 20.55 16.29
C SER A 115 -34.77 21.13 15.14
N LYS A 116 -35.18 20.87 13.90
CA LYS A 116 -34.37 21.22 12.74
C LYS A 116 -33.88 22.66 12.80
N PHE A 117 -32.59 22.89 12.53
CA PHE A 117 -31.97 24.22 12.63
C PHE A 117 -30.86 24.37 11.59
N ALA A 118 -30.48 25.62 11.34
CA ALA A 118 -29.40 26.01 10.46
C ALA A 118 -28.23 26.59 11.26
N PHE A 119 -27.05 26.00 11.09
CA PHE A 119 -25.82 26.47 11.72
C PHE A 119 -24.96 27.09 10.61
N SER A 120 -24.57 28.34 10.84
CA SER A 120 -23.78 29.13 9.89
C SER A 120 -22.45 29.47 10.53
N SER A 121 -21.35 29.28 9.79
CA SER A 121 -20.05 29.82 10.19
C SER A 121 -19.36 30.37 9.00
N GLU A 122 -18.48 31.33 9.28
CA GLU A 122 -17.56 31.80 8.29
C GLU A 122 -16.22 31.82 8.95
N VAL A 123 -15.22 31.22 8.27
CA VAL A 123 -13.89 31.13 8.84
C VAL A 123 -12.90 31.47 7.78
N ILE A 124 -11.67 31.77 8.22
CA ILE A 124 -10.57 32.01 7.31
C ILE A 124 -9.49 30.95 7.51
N ILE A 125 -8.97 30.45 6.39
CA ILE A 125 -7.91 29.45 6.35
C ILE A 125 -6.89 29.89 5.30
N HIS A 126 -5.79 29.16 5.25
CA HIS A 126 -4.64 29.62 4.47
C HIS A 126 -3.96 28.47 3.76
N PRO A 127 -4.54 28.02 2.63
CA PRO A 127 -3.91 26.93 1.88
C PRO A 127 -2.43 27.18 1.49
N GLU A 128 -2.13 28.45 1.23
CA GLU A 128 -0.82 28.87 0.80
C GLU A 128 0.29 28.65 1.82
N THR A 129 -0.09 28.51 3.10
CA THR A 129 0.87 28.17 4.17
C THR A 129 0.61 26.80 4.77
N ASN A 130 -0.20 26.01 4.10
CA ASN A 130 -0.52 24.67 4.61
C ASN A 130 0.45 23.65 4.02
N TYR A 131 1.54 23.40 4.73
CA TYR A 131 2.55 22.43 4.26
C TYR A 131 2.38 21.02 4.77
N ALA A 132 1.32 20.76 5.52
CA ALA A 132 1.04 19.45 6.04
C ALA A 132 0.21 18.68 5.09
N LEU A 133 -0.38 19.37 4.12
CA LEU A 133 -1.08 18.75 2.97
C LEU A 133 -2.28 17.98 3.39
N THR A 134 -2.92 18.49 4.45
CA THR A 134 -4.18 17.96 4.97
CA THR A 134 -4.19 17.96 4.95
C THR A 134 -5.11 19.14 5.14
N GLY A 135 -6.37 18.95 4.79
CA GLY A 135 -7.32 20.07 4.65
C GLY A 135 -7.21 20.71 3.27
N LEU A 136 -7.19 22.05 3.24
CA LEU A 136 -7.08 22.78 1.96
C LEU A 136 -5.67 23.38 1.83
N TYR A 137 -4.95 23.01 0.74
CA TYR A 137 -3.54 23.42 0.58
C TYR A 137 -3.17 23.74 -0.85
N LYS A 138 -2.04 24.40 -1.02
CA LYS A 138 -1.54 24.77 -2.32
C LYS A 138 -0.42 23.83 -2.69
N SER A 139 -0.51 23.19 -3.86
CA SER A 139 0.52 22.34 -4.43
C SER A 139 0.97 22.99 -5.73
N LYS A 140 2.16 23.58 -5.73
CA LYS A 140 2.62 24.37 -6.88
C LYS A 140 1.62 25.47 -7.16
N ASN A 141 0.96 25.47 -8.30
CA ASN A 141 -0.01 26.51 -8.51
C ASN A 141 -1.46 25.93 -8.51
N ILE A 142 -1.69 24.83 -7.79
CA ILE A 142 -3.05 24.23 -7.76
C ILE A 142 -3.47 24.24 -6.29
N ILE A 143 -4.69 24.64 -6.04
CA ILE A 143 -5.28 24.59 -4.70
C ILE A 143 -6.05 23.31 -4.67
N VAL A 144 -5.82 22.49 -3.65
CA VAL A 144 -6.43 21.17 -3.56
C VAL A 144 -6.72 20.79 -2.12
N SER A 145 -7.72 19.93 -1.92
CA SER A 145 -8.06 19.39 -0.63
C SER A 145 -7.63 17.92 -0.46
N GLN A 146 -7.32 17.59 0.79
CA GLN A 146 -7.29 16.19 1.29
C GLN A 146 -8.01 16.12 2.61
N CYS A 147 -9.16 15.45 2.62
CA CYS A 147 -9.93 15.38 3.85
C CYS A 147 -9.89 14.07 4.60
N GLU A 148 -9.65 12.93 3.97
CA GLU A 148 -9.51 11.69 4.79
C GLU A 148 -8.18 11.72 5.60
N ALA A 149 -8.15 11.35 6.88
CA ALA A 149 -9.32 10.96 7.62
C ALA A 149 -10.01 12.14 8.31
N THR A 150 -9.20 13.02 8.90
CA THR A 150 -9.70 14.11 9.74
C THR A 150 -9.25 15.50 9.20
N GLY A 151 -9.21 15.65 7.89
CA GLY A 151 -8.86 16.90 7.29
C GLY A 151 -10.04 17.83 7.00
N PHE A 152 -11.30 17.37 6.91
CA PHE A 152 -12.41 18.30 6.65
C PHE A 152 -12.52 19.38 7.74
N ARG A 153 -12.21 18.97 8.98
CA ARG A 153 -12.20 19.93 10.09
C ARG A 153 -11.20 21.06 10.01
N ARG A 154 -10.18 20.88 9.18
CA ARG A 154 -9.26 21.96 8.84
C ARG A 154 -9.76 22.96 7.79
N ILE A 155 -10.92 22.71 7.19
CA ILE A 155 -11.52 23.57 6.17
C ILE A 155 -12.69 24.36 6.85
N THR A 156 -13.52 23.68 7.59
CA THR A 156 -14.67 24.32 8.28
C THR A 156 -15.15 23.42 9.45
N PHE A 157 -16.07 23.92 10.26
CA PHE A 157 -16.58 23.16 11.37
C PHE A 157 -17.43 21.99 10.94
N PHE A 158 -17.27 20.85 11.60
CA PHE A 158 -18.13 19.72 11.23
C PHE A 158 -18.06 18.75 12.41
N ILE A 159 -19.02 17.83 12.43
CA ILE A 159 -18.89 16.63 13.27
C ILE A 159 -18.18 15.59 12.42
N ASP A 160 -16.84 15.62 12.48
CA ASP A 160 -15.98 15.06 11.45
C ASP A 160 -15.69 13.58 11.72
N ARG A 161 -16.67 12.79 11.36
CA ARG A 161 -16.68 11.33 11.53
C ARG A 161 -17.60 10.74 10.48
N PRO A 162 -17.29 9.52 10.02
CA PRO A 162 -17.83 9.05 8.76
C PRO A 162 -19.25 8.60 8.85
N ASP A 163 -19.81 8.52 10.05
CA ASP A 163 -21.23 8.20 10.13
C ASP A 163 -22.14 9.45 9.96
N MET A 164 -21.55 10.65 9.82
CA MET A 164 -22.34 11.88 9.71
C MET A 164 -22.46 12.17 8.25
N MET A 165 -23.43 11.50 7.61
CA MET A 165 -23.58 11.61 6.21
C MET A 165 -24.56 12.72 5.80
N ALA A 166 -24.22 13.40 4.72
CA ALA A 166 -24.93 14.61 4.29
C ALA A 166 -24.85 14.81 2.79
N LYS A 167 -25.68 15.72 2.24
CA LYS A 167 -25.61 16.08 0.82
C LYS A 167 -24.97 17.43 0.72
N TYR A 168 -24.19 17.66 -0.32
CA TYR A 168 -23.32 18.81 -0.41
C TYR A 168 -23.65 19.68 -1.64
N ASP A 169 -23.69 20.99 -1.40
CA ASP A 169 -23.86 22.03 -2.40
C ASP A 169 -22.64 22.94 -2.24
N VAL A 170 -21.76 23.03 -3.25
CA VAL A 170 -20.45 23.67 -3.03
C VAL A 170 -20.17 24.67 -4.15
N THR A 171 -19.88 25.91 -3.76
CA THR A 171 -19.53 26.94 -4.68
C THR A 171 -18.06 27.24 -4.40
N VAL A 172 -17.28 27.42 -5.46
CA VAL A 172 -15.90 27.85 -5.32
C VAL A 172 -15.70 29.07 -6.19
N THR A 173 -14.97 30.07 -5.68
CA THR A 173 -14.65 31.32 -6.39
C THR A 173 -13.17 31.59 -6.34
N ALA A 174 -12.67 32.18 -7.39
CA ALA A 174 -11.21 32.44 -7.46
C ALA A 174 -10.89 33.40 -8.59
N ASP A 175 -9.63 33.88 -8.63
CA ASP A 175 -9.15 34.65 -9.74
C ASP A 175 -9.18 33.78 -11.02
N LYS A 176 -9.76 34.30 -12.09
CA LYS A 176 -9.90 33.51 -13.31
C LYS A 176 -8.63 33.16 -14.06
N GLU A 177 -7.67 34.08 -14.09
CA GLU A 177 -6.45 33.86 -14.83
C GLU A 177 -5.60 32.80 -14.13
N LYS A 178 -5.51 32.86 -12.81
CA LYS A 178 -4.70 31.98 -12.02
C LYS A 178 -5.39 30.61 -11.84
N TYR A 179 -6.72 30.62 -11.66
CA TYR A 179 -7.49 29.39 -11.38
C TYR A 179 -8.66 29.17 -12.32
N PRO A 180 -8.38 28.94 -13.63
CA PRO A 180 -9.47 28.81 -14.61
C PRO A 180 -10.35 27.57 -14.50
N VAL A 181 -9.87 26.50 -13.89
CA VAL A 181 -10.61 25.27 -13.67
C VAL A 181 -10.96 25.08 -12.21
N LEU A 182 -12.26 24.98 -11.95
CA LEU A 182 -12.76 24.86 -10.60
C LEU A 182 -13.55 23.59 -10.56
N LEU A 183 -13.26 22.74 -9.57
CA LEU A 183 -13.92 21.44 -9.46
C LEU A 183 -14.34 21.14 -8.04
N SER A 184 -15.50 20.58 -7.87
CA SER A 184 -15.88 19.90 -6.63
C SER A 184 -16.64 18.65 -6.93
N ASN A 185 -17.10 17.92 -5.91
CA ASN A 185 -17.79 16.66 -6.15
C ASN A 185 -19.14 16.86 -6.91
N GLY A 186 -19.45 16.00 -7.89
CA GLY A 186 -20.77 15.97 -8.45
C GLY A 186 -20.99 16.81 -9.71
N ASP A 187 -22.26 17.05 -10.00
CA ASP A 187 -22.68 17.84 -11.18
C ASP A 187 -22.37 19.30 -11.07
N LYS A 188 -21.74 19.87 -12.08
CA LYS A 188 -21.62 21.33 -12.13
C LYS A 188 -22.98 21.96 -12.50
N VAL A 189 -23.50 22.83 -11.69
CA VAL A 189 -24.85 23.38 -11.96
C VAL A 189 -24.82 24.84 -12.40
N ASN A 190 -23.73 25.55 -12.16
CA ASN A 190 -23.61 26.97 -12.61
C ASN A 190 -22.13 27.35 -12.72
N GLU A 191 -21.86 28.30 -13.58
CA GLU A 191 -20.56 28.93 -13.73
C GLU A 191 -20.84 30.38 -14.01
N PHE A 192 -20.18 31.28 -13.30
CA PHE A 192 -20.47 32.68 -13.42
C PHE A 192 -19.25 33.55 -13.28
N GLU A 193 -19.36 34.75 -13.82
CA GLU A 193 -18.31 35.79 -13.68
C GLU A 193 -18.53 36.63 -12.41
N ILE A 194 -17.46 37.16 -11.87
CA ILE A 194 -17.54 37.93 -10.64
C ILE A 194 -16.66 39.14 -10.90
N PRO A 195 -17.08 40.31 -10.43
CA PRO A 195 -16.24 41.52 -10.64
C PRO A 195 -14.80 41.38 -10.16
N GLY A 196 -13.86 42.03 -10.83
CA GLY A 196 -12.47 42.06 -10.40
C GLY A 196 -11.66 40.89 -10.87
N GLY A 197 -12.08 40.29 -11.97
CA GLY A 197 -11.33 39.25 -12.65
C GLY A 197 -11.49 37.89 -11.97
N ARG A 198 -12.56 37.74 -11.19
CA ARG A 198 -12.87 36.48 -10.52
C ARG A 198 -13.94 35.69 -11.23
N HIS A 199 -14.12 34.44 -10.81
CA HIS A 199 -15.23 33.63 -11.30
C HIS A 199 -15.59 32.54 -10.32
N GLY A 200 -16.72 31.95 -10.55
CA GLY A 200 -17.22 30.95 -9.64
C GLY A 200 -17.84 29.77 -10.39
N ALA A 201 -17.91 28.64 -9.66
CA ALA A 201 -18.57 27.47 -10.16
C ALA A 201 -19.30 26.81 -9.00
N ARG A 202 -20.50 26.31 -9.27
CA ARG A 202 -21.31 25.64 -8.29
C ARG A 202 -21.55 24.17 -8.64
N PHE A 203 -21.44 23.31 -7.58
CA PHE A 203 -21.56 21.84 -7.70
C PHE A 203 -22.62 21.31 -6.79
N ASN A 204 -23.30 20.29 -7.28
CA ASN A 204 -24.27 19.57 -6.48
C ASN A 204 -23.97 18.09 -6.53
N ASP A 205 -23.68 17.49 -5.35
CA ASP A 205 -23.39 16.06 -5.27
C ASP A 205 -24.63 15.40 -4.64
N PRO A 206 -25.39 14.66 -5.45
CA PRO A 206 -26.67 14.12 -5.02
C PRO A 206 -26.50 12.89 -4.14
N HIS A 207 -25.28 12.34 -4.05
CA HIS A 207 -25.07 11.13 -3.21
C HIS A 207 -24.69 11.54 -1.79
N LEU A 208 -25.45 11.06 -0.82
CA LEU A 208 -25.14 11.21 0.60
C LEU A 208 -23.71 10.72 0.84
N LYS A 209 -22.94 11.52 1.58
CA LYS A 209 -21.58 11.11 1.88
C LYS A 209 -21.06 11.63 3.16
N PRO A 210 -20.11 10.94 3.74
CA PRO A 210 -19.29 11.48 4.84
C PRO A 210 -18.38 12.59 4.37
N CYS A 211 -17.92 13.42 5.31
CA CYS A 211 -17.10 14.56 4.95
C CYS A 211 -15.71 14.22 4.50
N TYR A 212 -15.23 13.01 4.75
CA TYR A 212 -13.88 12.65 4.26
C TYR A 212 -13.84 12.50 2.74
N LEU A 213 -14.99 12.42 2.07
CA LEU A 213 -15.06 12.25 0.64
C LEU A 213 -15.34 13.60 -0.09
N PHE A 214 -15.39 14.72 0.66
CA PHE A 214 -15.40 16.03 0.06
C PHE A 214 -14.08 16.35 -0.58
N ALA A 215 -14.14 17.02 -1.71
CA ALA A 215 -12.94 17.53 -2.37
C ALA A 215 -13.25 18.75 -3.21
N VAL A 216 -12.26 19.62 -3.26
CA VAL A 216 -12.28 20.77 -4.17
C VAL A 216 -10.89 20.91 -4.82
N VAL A 217 -10.89 21.35 -6.05
CA VAL A 217 -9.68 21.71 -6.76
C VAL A 217 -9.85 23.02 -7.54
N ALA A 218 -8.80 23.84 -7.54
CA ALA A 218 -8.76 25.06 -8.37
C ALA A 218 -7.35 25.15 -8.99
N GLY A 219 -7.29 25.23 -10.31
CA GLY A 219 -6.03 25.44 -10.95
C GLY A 219 -6.06 25.73 -12.40
N ASP A 220 -4.88 26.01 -12.93
CA ASP A 220 -4.71 26.11 -14.37
C ASP A 220 -4.43 24.70 -14.94
N LEU A 221 -5.46 23.89 -15.05
CA LEU A 221 -5.31 22.52 -15.42
C LEU A 221 -5.64 22.30 -16.88
N LYS A 222 -4.92 21.39 -17.50
CA LYS A 222 -5.28 20.83 -18.81
C LYS A 222 -5.77 19.41 -18.63
N HIS A 223 -6.53 18.97 -19.61
CA HIS A 223 -7.15 17.66 -19.55
C HIS A 223 -7.16 16.89 -20.82
N LEU A 224 -7.35 15.60 -20.65
CA LEU A 224 -7.82 14.65 -21.73
C LEU A 224 -9.18 14.15 -21.33
N SER A 225 -10.08 13.83 -22.25
CA SER A 225 -11.40 13.34 -21.85
C SER A 225 -11.85 12.25 -22.79
N ALA A 226 -12.82 11.45 -22.35
CA ALA A 226 -13.47 10.46 -23.24
C ALA A 226 -14.85 10.21 -22.71
N THR A 227 -15.70 9.63 -23.52
CA THR A 227 -17.03 9.30 -23.10
C THR A 227 -17.06 7.81 -22.93
N TYR A 228 -17.63 7.33 -21.84
CA TYR A 228 -17.77 5.92 -21.58
C TYR A 228 -19.28 5.66 -21.48
N ILE A 229 -19.73 4.61 -22.12
CA ILE A 229 -21.11 4.23 -22.06
C ILE A 229 -21.24 3.00 -21.17
N THR A 230 -22.11 3.06 -20.16
CA THR A 230 -22.19 1.95 -19.23
C THR A 230 -22.83 0.72 -19.85
N LYS A 231 -22.48 -0.42 -19.31
CA LYS A 231 -22.72 -1.67 -20.00
C LYS A 231 -24.24 -2.02 -19.95
N TYR A 232 -24.88 -1.83 -18.81
CA TYR A 232 -26.26 -2.31 -18.54
C TYR A 232 -27.35 -1.27 -18.78
N THR A 233 -27.14 -0.07 -18.30
CA THR A 233 -28.14 1.04 -18.44
C THR A 233 -27.80 1.98 -19.57
N LYS A 234 -26.64 1.80 -20.20
CA LYS A 234 -26.17 2.68 -21.32
C LYS A 234 -26.13 4.19 -20.96
N LYS A 235 -25.78 4.50 -19.73
CA LYS A 235 -25.64 5.90 -19.29
C LYS A 235 -24.35 6.47 -19.90
N LYS A 236 -24.35 7.72 -20.34
CA LYS A 236 -23.13 8.34 -20.88
C LYS A 236 -22.40 8.94 -19.72
N VAL A 237 -21.15 8.54 -19.51
CA VAL A 237 -20.32 9.15 -18.47
C VAL A 237 -19.14 9.87 -19.12
N GLU A 238 -18.92 11.11 -18.68
CA GLU A 238 -17.77 11.86 -19.20
C GLU A 238 -16.60 11.64 -18.29
N LEU A 239 -15.48 11.22 -18.87
CA LEU A 239 -14.26 10.94 -18.13
C LEU A 239 -13.29 12.01 -18.50
N TYR A 240 -12.79 12.68 -17.48
CA TYR A 240 -11.79 13.73 -17.53
C TYR A 240 -10.54 13.31 -16.62
N VAL A 241 -9.34 13.51 -17.17
CA VAL A 241 -8.10 13.42 -16.42
C VAL A 241 -7.33 14.68 -16.57
N PHE A 242 -6.80 15.20 -15.45
CA PHE A 242 -6.23 16.54 -15.37
C PHE A 242 -4.85 16.59 -14.82
N SER A 243 -4.03 17.51 -15.31
CA SER A 243 -2.73 17.85 -14.72
C SER A 243 -2.38 19.28 -15.06
N GLU A 244 -1.29 19.75 -14.47
CA GLU A 244 -0.67 20.98 -14.93
C GLU A 244 -0.24 20.84 -16.43
N GLU A 245 -0.23 21.98 -17.13
CA GLU A 245 0.04 22.01 -18.58
C GLU A 245 1.32 21.26 -18.99
N LYS A 246 2.41 21.41 -18.22
CA LYS A 246 3.70 20.85 -18.58
C LYS A 246 3.57 19.31 -18.80
N TYR A 247 2.64 18.65 -18.10
CA TYR A 247 2.55 17.19 -18.10
C TYR A 247 1.28 16.61 -18.66
N VAL A 248 0.53 17.39 -19.43
CA VAL A 248 -0.71 16.87 -20.07
C VAL A 248 -0.45 15.63 -20.97
N SER A 249 0.73 15.55 -21.58
CA SER A 249 1.20 14.41 -22.39
C SER A 249 1.41 13.15 -21.59
N LYS A 250 1.29 13.23 -20.26
CA LYS A 250 1.47 12.06 -19.40
C LYS A 250 0.14 11.47 -18.83
N LEU A 251 -0.99 11.85 -19.42
CA LEU A 251 -2.28 11.52 -18.90
C LEU A 251 -2.98 10.32 -19.54
N GLN A 252 -2.53 9.88 -20.71
CA GLN A 252 -3.33 8.92 -21.44
C GLN A 252 -3.49 7.56 -20.72
N TRP A 253 -2.41 7.01 -20.21
CA TRP A 253 -2.46 5.67 -19.65
C TRP A 253 -3.45 5.67 -18.48
N ALA A 254 -3.45 6.74 -17.69
CA ALA A 254 -4.45 6.79 -16.58
C ALA A 254 -5.88 6.70 -17.09
N LEU A 255 -6.16 7.45 -18.16
CA LEU A 255 -7.48 7.38 -18.76
C LEU A 255 -7.85 5.97 -19.25
N GLU A 256 -6.91 5.30 -19.92
CA GLU A 256 -7.14 3.95 -20.37
CA GLU A 256 -7.15 3.96 -20.36
C GLU A 256 -7.40 3.03 -19.17
N CYS A 257 -6.64 3.23 -18.07
CA CYS A 257 -6.78 2.40 -16.90
C CYS A 257 -8.15 2.63 -16.24
N LEU A 258 -8.63 3.90 -16.29
CA LEU A 258 -9.99 4.19 -15.79
C LEU A 258 -11.04 3.42 -16.57
N LYS A 259 -10.95 3.48 -17.88
CA LYS A 259 -11.87 2.65 -18.73
C LYS A 259 -11.84 1.15 -18.39
N LYS A 260 -10.65 0.59 -18.21
CA LYS A 260 -10.49 -0.81 -17.84
C LYS A 260 -11.11 -1.12 -16.49
N SER A 261 -10.91 -0.19 -15.54
CA SER A 261 -11.49 -0.30 -14.19
C SER A 261 -13.01 -0.32 -14.23
N MET A 262 -13.58 0.64 -14.97
CA MET A 262 -15.05 0.68 -15.11
C MET A 262 -15.56 -0.64 -15.68
N ALA A 263 -14.92 -1.08 -16.77
CA ALA A 263 -15.32 -2.35 -17.45
C ALA A 263 -15.25 -3.56 -16.56
N PHE A 264 -14.21 -3.62 -15.73
CA PHE A 264 -14.01 -4.72 -14.87
C PHE A 264 -15.09 -4.77 -13.83
N ASP A 265 -15.40 -3.62 -13.20
CA ASP A 265 -16.45 -3.65 -12.18
C ASP A 265 -17.79 -4.01 -12.84
N GLU A 266 -18.00 -3.56 -14.07
CA GLU A 266 -19.27 -3.95 -14.75
C GLU A 266 -19.28 -5.48 -15.04
N ASP A 267 -18.20 -5.96 -15.63
CA ASP A 267 -18.11 -7.37 -16.10
C ASP A 267 -18.07 -8.38 -14.92
N TYR A 268 -17.29 -8.12 -13.86
CA TYR A 268 -17.10 -9.09 -12.76
C TYR A 268 -18.16 -8.90 -11.65
N PHE A 269 -18.49 -7.67 -11.27
CA PHE A 269 -19.32 -7.40 -10.13
C PHE A 269 -20.68 -6.80 -10.48
N GLY A 270 -20.93 -6.52 -11.75
CA GLY A 270 -22.16 -5.85 -12.16
C GLY A 270 -22.40 -4.43 -11.70
N LEU A 271 -21.32 -3.71 -11.41
CA LEU A 271 -21.43 -2.40 -10.78
C LEU A 271 -21.12 -1.34 -11.79
N GLU A 272 -22.09 -0.41 -11.98
CA GLU A 272 -21.89 0.75 -12.87
C GLU A 272 -21.62 2.04 -12.13
N TYR A 273 -20.86 2.92 -12.77
CA TYR A 273 -20.65 4.30 -12.28
C TYR A 273 -22.02 5.02 -12.16
N ASP A 274 -22.08 5.95 -11.23
CA ASP A 274 -23.34 6.55 -10.74
C ASP A 274 -23.46 8.09 -10.78
N LEU A 275 -22.54 8.73 -11.50
CA LEU A 275 -22.59 10.14 -11.82
C LEU A 275 -22.36 10.35 -13.32
N SER A 276 -22.66 11.56 -13.79
CA SER A 276 -22.46 11.92 -15.22
C SER A 276 -21.03 12.21 -15.58
N ARG A 277 -20.23 12.48 -14.56
CA ARG A 277 -18.89 12.80 -14.80
C ARG A 277 -18.03 12.20 -13.73
N LEU A 278 -16.85 11.81 -14.15
CA LEU A 278 -15.70 11.32 -13.09
C LEU A 278 -14.40 12.07 -13.49
N ASN A 279 -13.85 12.83 -12.58
CA ASN A 279 -12.63 13.57 -12.78
C ASN A 279 -11.50 12.88 -11.99
N LEU A 280 -10.31 12.76 -12.62
CA LEU A 280 -9.11 12.36 -11.94
C LEU A 280 -8.15 13.52 -12.08
N VAL A 281 -7.47 13.87 -10.99
CA VAL A 281 -6.61 15.05 -10.96
C VAL A 281 -5.25 14.72 -10.36
N ALA A 282 -4.17 15.11 -11.03
CA ALA A 282 -2.83 14.90 -10.55
C ALA A 282 -2.37 16.16 -9.84
N VAL A 283 -1.77 16.01 -8.67
CA VAL A 283 -1.04 17.09 -8.00
C VAL A 283 0.37 16.61 -7.56
N SER A 284 1.29 17.56 -7.53
CA SER A 284 2.69 17.29 -7.29
C SER A 284 3.01 16.96 -5.81
N ASP A 285 2.28 17.55 -4.89
CA ASP A 285 2.54 17.45 -3.42
C ASP A 285 1.35 16.70 -2.79
N PHE A 286 1.57 15.44 -2.40
CA PHE A 286 0.50 14.60 -1.92
C PHE A 286 1.12 13.63 -0.90
N ASN A 287 0.46 13.44 0.24
CA ASN A 287 1.02 12.59 1.29
C ASN A 287 1.06 11.13 1.00
N VAL A 288 0.10 10.62 0.25
CA VAL A 288 0.02 9.22 -0.05
C VAL A 288 -0.02 9.07 -1.62
N GLY A 289 -0.72 8.05 -2.12
CA GLY A 289 -0.79 7.74 -3.54
C GLY A 289 -1.98 8.35 -4.25
N ALA A 290 -3.16 8.21 -3.63
CA ALA A 290 -4.38 8.80 -4.18
C ALA A 290 -5.53 8.77 -3.18
N MET A 291 -6.67 9.32 -3.57
CA MET A 291 -7.82 9.50 -2.73
C MET A 291 -9.09 9.46 -3.57
N GLU A 292 -10.05 8.70 -3.06
CA GLU A 292 -11.30 8.35 -3.79
C GLU A 292 -12.48 9.34 -3.64
N ASN A 293 -12.21 10.66 -3.55
CA ASN A 293 -13.32 11.62 -3.32
C ASN A 293 -14.33 11.40 -4.43
N LYS A 294 -15.62 11.38 -4.06
CA LYS A 294 -16.69 11.05 -5.00
C LYS A 294 -16.62 11.91 -6.23
N GLY A 295 -16.46 11.26 -7.38
CA GLY A 295 -16.45 11.95 -8.67
C GLY A 295 -15.27 12.86 -8.92
N LEU A 296 -14.28 12.87 -8.03
CA LEU A 296 -13.16 13.77 -8.06
C LEU A 296 -11.98 13.13 -7.35
N ASN A 297 -11.42 12.10 -7.96
CA ASN A 297 -10.33 11.35 -7.37
C ASN A 297 -9.05 12.13 -7.56
N ILE A 298 -8.31 12.32 -6.46
CA ILE A 298 -7.12 13.12 -6.50
C ILE A 298 -5.92 12.20 -6.29
N PHE A 299 -4.89 12.42 -7.07
CA PHE A 299 -3.69 11.55 -7.09
C PHE A 299 -2.40 12.30 -6.87
N ASN A 300 -1.48 11.65 -6.14
CA ASN A 300 -0.07 11.97 -6.28
C ASN A 300 0.21 11.90 -7.77
N ALA A 301 0.89 12.90 -8.35
CA ALA A 301 1.29 12.82 -9.73
C ALA A 301 2.06 11.52 -10.06
N ASN A 302 2.82 11.02 -9.10
CA ASN A 302 3.57 9.74 -9.36
C ASN A 302 2.72 8.51 -9.51
N SER A 303 1.45 8.63 -9.20
CA SER A 303 0.54 7.53 -9.32
C SER A 303 -0.56 7.78 -10.37
N LEU A 304 -0.42 8.83 -11.20
CA LEU A 304 -1.34 9.10 -12.31
C LEU A 304 -0.65 9.35 -13.66
N LEU A 305 0.54 9.89 -13.64
CA LEU A 305 1.23 10.40 -14.81
C LEU A 305 2.35 9.51 -15.21
N ALA A 306 2.40 9.21 -16.50
CA ALA A 306 3.55 8.46 -17.08
C ALA A 306 3.64 8.73 -18.56
N SER A 307 4.85 8.69 -19.06
CA SER A 307 5.09 8.49 -20.50
C SER A 307 6.26 7.52 -20.68
N LYS A 308 6.24 6.75 -21.77
CA LYS A 308 7.22 5.68 -21.93
C LYS A 308 8.65 6.21 -22.02
N LYS A 309 8.82 7.44 -22.52
CA LYS A 309 10.16 7.99 -22.58
C LYS A 309 10.60 8.63 -21.28
N ASN A 310 9.68 8.88 -20.37
CA ASN A 310 9.98 9.67 -19.19
C ASN A 310 9.60 8.99 -17.88
N SER A 311 9.29 7.72 -17.91
CA SER A 311 8.88 6.95 -16.76
C SER A 311 9.48 5.59 -16.81
N ILE A 312 9.83 5.07 -15.64
CA ILE A 312 10.24 3.65 -15.51
C ILE A 312 9.01 2.74 -15.66
N ASP A 313 9.26 1.51 -16.07
CA ASP A 313 8.24 0.50 -16.29
C ASP A 313 7.20 0.39 -15.12
N PHE A 314 7.73 0.38 -13.91
CA PHE A 314 6.88 0.18 -12.73
C PHE A 314 5.76 1.23 -12.64
N SER A 315 5.95 2.43 -13.21
CA SER A 315 4.80 3.43 -13.23
C SER A 315 3.58 2.92 -13.83
N TYR A 316 3.68 2.08 -14.87
CA TYR A 316 2.47 1.57 -15.53
C TYR A 316 1.63 0.64 -14.69
N ALA A 317 2.27 -0.26 -13.96
CA ALA A 317 1.53 -1.11 -13.00
C ALA A 317 0.98 -0.28 -11.83
N ARG A 318 1.78 0.64 -11.38
CA ARG A 318 1.36 1.54 -10.28
C ARG A 318 0.11 2.34 -10.62
N ILE A 319 0.08 2.95 -11.81
CA ILE A 319 -1.09 3.73 -12.22
C ILE A 319 -2.27 2.83 -12.38
N LEU A 320 -2.06 1.66 -12.95
CA LEU A 320 -3.15 0.73 -13.15
C LEU A 320 -3.76 0.35 -11.78
N THR A 321 -2.90 0.10 -10.83
CA THR A 321 -3.38 -0.26 -9.50
C THR A 321 -4.04 0.90 -8.76
N VAL A 322 -3.46 2.06 -8.85
CA VAL A 322 -4.01 3.16 -8.06
C VAL A 322 -5.32 3.66 -8.70
N VAL A 323 -5.35 3.82 -10.04
CA VAL A 323 -6.61 4.22 -10.66
C VAL A 323 -7.69 3.23 -10.35
N GLY A 324 -7.40 1.95 -10.53
CA GLY A 324 -8.36 0.91 -10.28
C GLY A 324 -8.85 0.93 -8.85
N HIS A 325 -7.92 0.94 -7.94
CA HIS A 325 -8.22 1.02 -6.55
C HIS A 325 -9.14 2.14 -6.19
N GLU A 326 -8.79 3.40 -6.52
CA GLU A 326 -9.71 4.53 -6.18
C GLU A 326 -11.08 4.39 -6.88
N TYR A 327 -11.09 3.88 -8.10
CA TYR A 327 -12.35 3.59 -8.78
C TYR A 327 -13.21 2.59 -8.06
N PHE A 328 -12.60 1.50 -7.62
CA PHE A 328 -13.33 0.46 -6.92
C PHE A 328 -13.92 0.92 -5.59
N HIS A 329 -13.30 1.89 -4.92
CA HIS A 329 -13.89 2.53 -3.77
C HIS A 329 -15.25 3.16 -4.10
N ASN A 330 -15.57 3.48 -5.38
CA ASN A 330 -16.83 4.12 -5.61
C ASN A 330 -17.99 3.33 -4.98
N TYR A 331 -17.94 2.01 -5.03
CA TYR A 331 -18.83 1.16 -4.23
C TYR A 331 -18.27 0.76 -2.86
N THR A 332 -17.03 0.22 -2.82
CA THR A 332 -16.53 -0.28 -1.55
C THR A 332 -15.80 0.84 -0.82
N GLY A 333 -16.60 1.74 -0.24
CA GLY A 333 -16.11 2.89 0.54
C GLY A 333 -16.97 4.13 0.39
N ASN A 334 -17.49 4.34 -0.83
CA ASN A 334 -18.31 5.48 -1.12
C ASN A 334 -19.79 5.13 -1.01
N ARG A 335 -20.33 4.35 -1.95
CA ARG A 335 -21.74 3.98 -1.89
C ARG A 335 -22.05 3.17 -0.65
N VAL A 336 -21.08 2.40 -0.16
CA VAL A 336 -21.19 1.75 1.13
C VAL A 336 -19.98 2.24 1.88
N THR A 337 -20.18 3.04 2.91
CA THR A 337 -19.13 3.66 3.67
C THR A 337 -18.94 3.07 5.05
N LEU A 338 -18.11 3.72 5.86
CA LEU A 338 -17.76 3.25 7.22
C LEU A 338 -18.63 3.80 8.32
N ARG A 339 -19.07 2.91 9.22
CA ARG A 339 -19.71 3.40 10.46
C ARG A 339 -18.75 4.26 11.34
N ASP A 340 -17.49 3.87 11.40
CA ASP A 340 -16.51 4.51 12.22
C ASP A 340 -15.16 4.11 11.69
N TRP A 341 -14.11 4.78 12.16
CA TRP A 341 -12.76 4.51 11.57
C TRP A 341 -12.14 3.16 11.92
N PHE A 342 -12.64 2.50 12.96
CA PHE A 342 -12.16 1.20 13.31
C PHE A 342 -12.53 0.16 12.22
N GLN A 343 -13.50 0.49 11.38
CA GLN A 343 -13.92 -0.40 10.31
C GLN A 343 -13.06 -0.21 9.01
N LEU A 344 -12.00 0.55 9.13
CA LEU A 344 -11.22 1.00 7.96
C LEU A 344 -10.92 -0.15 6.96
N THR A 345 -10.58 -1.30 7.48
CA THR A 345 -10.23 -2.47 6.59
C THR A 345 -11.42 -2.87 5.69
N LEU A 346 -12.66 -2.66 6.15
CA LEU A 346 -13.85 -2.92 5.35
C LEU A 346 -13.82 -2.22 3.97
N LYS A 347 -13.31 -0.99 3.91
CA LYS A 347 -13.10 -0.33 2.66
C LYS A 347 -11.72 -0.60 2.10
N GLU A 348 -10.68 -0.51 2.91
CA GLU A 348 -9.30 -0.61 2.32
C GLU A 348 -8.92 -2.04 2.01
N GLY A 349 -9.12 -2.99 2.94
CA GLY A 349 -8.81 -4.44 2.63
C GLY A 349 -9.62 -4.95 1.47
N LEU A 350 -10.88 -4.58 1.46
CA LEU A 350 -11.80 -5.03 0.42
C LEU A 350 -11.48 -4.39 -0.94
N THR A 351 -11.10 -3.11 -0.94
CA THR A 351 -10.77 -2.50 -2.18
C THR A 351 -9.40 -2.97 -2.71
N VAL A 352 -8.44 -3.16 -1.81
CA VAL A 352 -7.17 -3.81 -2.25
C VAL A 352 -7.45 -5.17 -2.90
N HIS A 353 -8.30 -5.97 -2.29
CA HIS A 353 -8.66 -7.24 -2.88
C HIS A 353 -9.28 -7.11 -4.30
N ARG A 354 -10.22 -6.17 -4.46
CA ARG A 354 -10.87 -5.87 -5.74
C ARG A 354 -9.82 -5.46 -6.77
N GLU A 355 -8.90 -4.59 -6.35
CA GLU A 355 -7.90 -4.15 -7.27
C GLU A 355 -6.95 -5.33 -7.66
N ASN A 356 -6.67 -6.23 -6.72
CA ASN A 356 -5.80 -7.37 -6.97
C ASN A 356 -6.47 -8.31 -7.99
N LEU A 357 -7.75 -8.54 -7.88
CA LEU A 357 -8.52 -9.28 -8.90
C LEU A 357 -8.39 -8.61 -10.26
N PHE A 358 -8.54 -7.29 -10.22
CA PHE A 358 -8.50 -6.49 -11.46
C PHE A 358 -7.09 -6.58 -12.10
N SER A 359 -6.06 -6.36 -11.29
CA SER A 359 -4.72 -6.30 -11.86
C SER A 359 -4.29 -7.65 -12.38
N GLU A 360 -4.62 -8.70 -11.64
CA GLU A 360 -4.29 -10.10 -12.08
C GLU A 360 -4.93 -10.36 -13.41
N GLU A 361 -6.19 -9.93 -13.55
CA GLU A 361 -6.92 -10.07 -14.81
C GLU A 361 -6.31 -9.24 -15.93
N MET A 362 -5.84 -8.03 -15.64
CA MET A 362 -5.34 -7.14 -16.70
C MET A 362 -3.94 -7.51 -17.15
N THR A 363 -3.07 -7.88 -16.19
CA THR A 363 -1.66 -8.11 -16.52
C THR A 363 -1.43 -9.51 -17.03
N LYS A 364 -2.23 -10.45 -16.54
CA LYS A 364 -2.15 -11.89 -16.87
C LYS A 364 -0.76 -12.46 -16.63
N THR A 365 -0.04 -11.94 -15.63
CA THR A 365 1.27 -12.46 -15.29
C THR A 365 1.26 -12.90 -13.84
N VAL A 366 1.91 -14.01 -13.53
CA VAL A 366 1.95 -14.48 -12.10
C VAL A 366 2.70 -13.51 -11.20
N THR A 367 3.48 -12.60 -11.77
CA THR A 367 4.22 -11.64 -10.93
C THR A 367 3.35 -10.66 -10.22
N THR A 368 2.14 -10.41 -10.73
CA THR A 368 1.23 -9.57 -10.00
C THR A 368 0.88 -10.14 -8.62
N ARG A 369 0.45 -11.39 -8.57
CA ARG A 369 0.18 -12.04 -7.25
C ARG A 369 1.46 -12.18 -6.39
N LEU A 370 2.57 -12.63 -7.01
CA LEU A 370 3.79 -12.79 -6.24
C LEU A 370 4.26 -11.53 -5.60
N SER A 371 4.14 -10.40 -6.32
CA SER A 371 4.61 -9.15 -5.77
C SER A 371 3.77 -8.79 -4.53
N HIS A 372 2.50 -9.15 -4.55
CA HIS A 372 1.64 -8.81 -3.40
C HIS A 372 1.99 -9.69 -2.16
N VAL A 373 2.22 -10.96 -2.41
CA VAL A 373 2.72 -11.89 -1.39
C VAL A 373 4.07 -11.46 -0.85
N ASP A 374 5.01 -11.08 -1.73
CA ASP A 374 6.34 -10.64 -1.32
C ASP A 374 6.23 -9.43 -0.35
N LEU A 375 5.33 -8.51 -0.66
CA LEU A 375 5.12 -7.33 0.18
C LEU A 375 4.55 -7.73 1.54
N LEU A 376 3.53 -8.60 1.52
CA LEU A 376 2.87 -8.97 2.74
C LEU A 376 3.90 -9.65 3.68
N ARG A 377 4.59 -10.66 3.14
CA ARG A 377 5.48 -11.47 3.94
C ARG A 377 6.73 -10.76 4.46
N SER A 378 7.11 -9.66 3.84
CA SER A 378 8.23 -8.91 4.27
C SER A 378 7.67 -7.83 5.23
N VAL A 379 6.99 -6.85 4.64
CA VAL A 379 6.61 -5.66 5.36
C VAL A 379 5.50 -5.96 6.41
N GLN A 380 4.46 -6.68 5.99
CA GLN A 380 3.31 -6.86 6.92
C GLN A 380 3.66 -7.82 8.05
N PHE A 381 4.35 -8.93 7.73
CA PHE A 381 4.73 -9.89 8.77
C PHE A 381 5.67 -9.22 9.78
N LEU A 382 6.59 -8.40 9.32
CA LEU A 382 7.43 -7.62 10.25
C LEU A 382 6.60 -6.74 11.17
N GLU A 383 5.65 -6.01 10.62
CA GLU A 383 4.75 -5.20 11.46
C GLU A 383 3.97 -6.08 12.45
N ASP A 384 3.51 -7.25 12.03
CA ASP A 384 2.67 -8.10 12.88
C ASP A 384 3.43 -8.75 14.07
N SER A 385 4.78 -8.82 13.96
CA SER A 385 5.60 -9.33 15.08
C SER A 385 6.32 -8.18 15.83
N SER A 386 6.02 -6.95 15.48
CA SER A 386 6.60 -5.78 16.09
C SER A 386 5.69 -5.32 17.22
N PRO A 387 6.17 -4.33 18.00
CA PRO A 387 5.33 -3.74 19.02
C PRO A 387 4.15 -2.97 18.43
N LEU A 388 4.19 -2.68 17.13
CA LEU A 388 3.07 -2.03 16.46
C LEU A 388 1.89 -2.96 16.09
N SER A 389 2.08 -4.26 16.33
CA SER A 389 1.12 -5.31 15.90
C SER A 389 -0.27 -4.92 16.27
N HIS A 390 -1.18 -4.99 15.33
CA HIS A 390 -2.59 -4.75 15.58
C HIS A 390 -3.43 -5.68 14.73
N PRO A 391 -4.66 -5.95 15.17
CA PRO A 391 -5.57 -6.68 14.30
C PRO A 391 -5.99 -5.79 13.14
N ILE A 392 -6.53 -6.38 12.07
CA ILE A 392 -7.00 -5.60 10.96
C ILE A 392 -8.17 -4.65 11.30
N ARG A 393 -8.93 -4.95 12.35
CA ARG A 393 -9.87 -3.98 12.96
CA ARG A 393 -9.87 -3.96 12.95
C ARG A 393 -9.25 -3.53 14.30
N PRO A 394 -8.58 -2.34 14.32
CA PRO A 394 -7.87 -1.95 15.57
C PRO A 394 -8.86 -1.73 16.76
N GLU A 395 -8.36 -1.84 18.00
CA GLU A 395 -9.20 -1.62 19.16
C GLU A 395 -9.10 -0.16 19.66
N SER A 396 -8.11 0.60 19.21
CA SER A 396 -7.90 1.95 19.77
C SER A 396 -6.98 2.76 18.90
N TYR A 397 -7.11 4.09 18.96
CA TYR A 397 -6.13 4.94 18.26
C TYR A 397 -6.11 6.30 18.85
N VAL A 398 -5.01 7.02 18.59
CA VAL A 398 -4.92 8.47 18.89
C VAL A 398 -5.11 9.24 17.58
N SER A 399 -4.21 9.04 16.59
CA SER A 399 -4.36 9.65 15.28
C SER A 399 -4.77 8.54 14.30
N MET A 400 -5.95 8.66 13.69
CA MET A 400 -6.38 7.60 12.82
C MET A 400 -5.43 7.45 11.60
N GLU A 401 -4.73 8.51 11.22
CA GLU A 401 -3.80 8.45 10.13
C GLU A 401 -2.66 7.40 10.36
N ASN A 402 -2.38 7.04 11.61
CA ASN A 402 -1.37 6.03 11.90
C ASN A 402 -1.81 4.62 11.61
N PHE A 403 -3.12 4.41 11.40
CA PHE A 403 -3.64 3.06 11.15
C PHE A 403 -3.93 2.74 9.68
N TYR A 404 -3.43 3.56 8.78
CA TYR A 404 -3.41 3.24 7.33
C TYR A 404 -2.15 2.40 7.03
N THR A 405 -2.25 1.12 7.41
CA THR A 405 -1.07 0.23 7.58
C THR A 405 -1.15 -0.94 6.63
N THR A 406 -0.01 -1.53 6.42
CA THR A 406 0.04 -2.77 5.69
C THR A 406 -0.81 -3.85 6.30
N THR A 407 -0.95 -3.83 7.62
CA THR A 407 -1.85 -4.78 8.24
C THR A 407 -3.28 -4.56 7.78
N VAL A 408 -3.75 -3.32 7.96
CA VAL A 408 -5.13 -2.98 7.52
C VAL A 408 -5.37 -3.17 6.00
N TYR A 409 -4.40 -2.78 5.14
CA TYR A 409 -4.60 -2.85 3.71
C TYR A 409 -4.33 -4.29 3.18
N ASP A 410 -3.12 -4.79 3.46
CA ASP A 410 -2.62 -6.02 2.88
C ASP A 410 -2.99 -7.28 3.59
N LYS A 411 -2.80 -7.36 4.91
CA LYS A 411 -3.42 -8.49 5.60
C LYS A 411 -5.00 -8.40 5.41
N GLY A 412 -5.55 -7.20 5.51
CA GLY A 412 -7.01 -7.04 5.20
C GLY A 412 -7.40 -7.61 3.87
N SER A 413 -6.60 -7.32 2.85
CA SER A 413 -6.91 -7.85 1.52
C SER A 413 -6.87 -9.37 1.49
N GLU A 414 -5.94 -9.98 2.20
CA GLU A 414 -5.85 -11.45 2.22
C GLU A 414 -7.01 -12.08 2.98
N VAL A 415 -7.49 -11.37 4.01
CA VAL A 415 -8.65 -11.81 4.73
C VAL A 415 -9.87 -11.70 3.84
N MET A 416 -9.95 -10.64 3.03
CA MET A 416 -11.06 -10.48 2.05
C MET A 416 -10.99 -11.53 0.91
N ARG A 417 -9.77 -11.85 0.51
CA ARG A 417 -9.55 -12.89 -0.48
C ARG A 417 -9.88 -14.25 -0.01
N MET A 418 -9.68 -14.55 1.26
CA MET A 418 -9.97 -15.92 1.77
C MET A 418 -11.45 -16.28 1.62
N TYR A 419 -12.34 -15.28 1.72
CA TYR A 419 -13.75 -15.54 1.42
C TYR A 419 -13.98 -16.12 0.04
N LEU A 420 -13.30 -15.57 -0.95
CA LEU A 420 -13.37 -16.06 -2.31
C LEU A 420 -12.84 -17.51 -2.41
N THR A 421 -11.70 -17.79 -1.75
CA THR A 421 -11.18 -19.14 -1.70
C THR A 421 -12.15 -20.12 -1.08
N ILE A 422 -12.72 -19.74 0.04
CA ILE A 422 -13.67 -20.58 0.77
C ILE A 422 -14.97 -20.83 -0.03
N LEU A 423 -15.55 -19.80 -0.59
CA LEU A 423 -16.85 -19.86 -1.26
C LEU A 423 -16.83 -20.31 -2.71
N GLY A 424 -15.73 -20.05 -3.42
CA GLY A 424 -15.66 -20.08 -4.85
C GLY A 424 -16.31 -18.89 -5.48
N GLU A 425 -16.14 -18.79 -6.77
CA GLU A 425 -16.52 -17.60 -7.51
C GLU A 425 -18.03 -17.28 -7.40
N GLU A 426 -18.83 -18.29 -7.71
CA GLU A 426 -20.30 -18.16 -7.77
C GLU A 426 -20.89 -17.68 -6.45
N TYR A 427 -20.61 -18.37 -5.34
CA TYR A 427 -21.12 -17.99 -4.05
C TYR A 427 -20.47 -16.71 -3.47
N TYR A 428 -19.20 -16.51 -3.76
CA TYR A 428 -18.54 -15.22 -3.40
C TYR A 428 -19.31 -14.04 -4.06
N LYS A 429 -19.54 -14.13 -5.35
CA LYS A 429 -20.28 -13.04 -6.04
C LYS A 429 -21.66 -12.82 -5.42
N LYS A 430 -22.31 -13.90 -5.02
CA LYS A 430 -23.62 -13.77 -4.34
C LYS A 430 -23.52 -13.06 -3.00
N GLY A 431 -22.53 -13.44 -2.16
CA GLY A 431 -22.36 -12.78 -0.87
C GLY A 431 -21.99 -11.30 -0.95
N PHE A 432 -21.10 -10.99 -1.89
CA PHE A 432 -20.72 -9.56 -2.23
C PHE A 432 -21.96 -8.74 -2.64
N ASP A 433 -22.77 -9.31 -3.54
CA ASP A 433 -24.04 -8.70 -3.93
C ASP A 433 -24.98 -8.43 -2.76
N ILE A 434 -25.11 -9.38 -1.82
CA ILE A 434 -25.91 -9.18 -0.63
C ILE A 434 -25.42 -8.02 0.16
N TYR A 435 -24.08 -7.96 0.29
CA TYR A 435 -23.45 -6.91 1.04
C TYR A 435 -23.71 -5.53 0.40
N ILE A 436 -23.43 -5.43 -0.88
CA ILE A 436 -23.52 -4.15 -1.54
C ILE A 436 -25.02 -3.68 -1.60
N LYS A 437 -25.91 -4.60 -1.83
CA LYS A 437 -27.33 -4.24 -1.96
C LYS A 437 -27.92 -3.79 -0.65
N LYS A 438 -27.70 -4.59 0.41
CA LYS A 438 -28.23 -4.29 1.73
C LYS A 438 -27.82 -2.95 2.33
N ASN A 439 -26.54 -2.56 2.13
CA ASN A 439 -25.89 -1.44 2.83
C ASN A 439 -25.67 -0.24 1.90
N ASP A 440 -26.20 -0.30 0.68
CA ASP A 440 -26.10 0.83 -0.24
C ASP A 440 -26.66 2.11 0.30
N GLY A 441 -25.90 3.19 0.14
CA GLY A 441 -26.30 4.50 0.63
C GLY A 441 -26.16 4.67 2.13
N ASN A 442 -25.44 3.77 2.75
CA ASN A 442 -25.36 3.72 4.18
C ASN A 442 -23.93 3.43 4.67
N THR A 443 -23.79 3.45 5.98
CA THR A 443 -22.54 3.02 6.62
C THR A 443 -22.62 1.49 6.84
N ALA A 444 -21.45 0.90 7.12
CA ALA A 444 -21.39 -0.49 7.44
C ALA A 444 -20.23 -0.81 8.36
N THR A 445 -20.23 -2.05 8.84
CA THR A 445 -19.22 -2.53 9.75
C THR A 445 -18.61 -3.83 9.16
N CYS A 446 -17.48 -4.27 9.72
CA CYS A 446 -16.90 -5.57 9.31
C CYS A 446 -17.91 -6.72 9.52
N GLU A 447 -18.67 -6.63 10.61
CA GLU A 447 -19.74 -7.65 10.87
C GLU A 447 -20.74 -7.73 9.76
N ASP A 448 -21.16 -6.60 9.16
CA ASP A 448 -22.10 -6.66 8.05
C ASP A 448 -21.52 -7.41 6.89
N PHE A 449 -20.23 -7.24 6.61
CA PHE A 449 -19.67 -7.99 5.50
C PHE A 449 -19.62 -9.50 5.76
N ASN A 450 -19.19 -9.85 6.96
CA ASN A 450 -19.07 -11.25 7.37
C ASN A 450 -20.48 -11.91 7.33
N TYR A 451 -21.49 -11.17 7.78
CA TYR A 451 -22.91 -11.62 7.70
C TYR A 451 -23.31 -11.93 6.27
N ALA A 452 -22.91 -11.10 5.30
CA ALA A 452 -23.27 -11.34 3.93
C ALA A 452 -22.60 -12.58 3.36
N MET A 453 -21.31 -12.70 3.70
CA MET A 453 -20.56 -13.90 3.30
C MET A 453 -21.16 -15.15 3.97
N GLU A 454 -21.65 -14.99 5.20
CA GLU A 454 -22.21 -16.13 5.95
C GLU A 454 -23.47 -16.62 5.21
N GLN A 455 -24.25 -15.69 4.67
CA GLN A 455 -25.45 -16.10 3.86
C GLN A 455 -25.11 -16.94 2.68
N ALA A 456 -24.06 -16.55 1.94
CA ALA A 456 -23.55 -17.34 0.83
C ALA A 456 -22.98 -18.68 1.30
N TYR A 457 -22.38 -18.68 2.50
CA TYR A 457 -21.78 -19.91 3.03
C TYR A 457 -22.87 -20.93 3.35
N LYS A 458 -23.91 -20.48 4.04
CA LYS A 458 -25.08 -21.33 4.31
C LYS A 458 -25.64 -21.92 3.01
N MET A 459 -25.80 -21.11 1.96
CA MET A 459 -26.27 -21.60 0.66
C MET A 459 -25.31 -22.65 0.11
N LYS A 460 -24.00 -22.34 0.13
CA LYS A 460 -22.98 -23.21 -0.43
C LYS A 460 -22.89 -24.55 0.29
N LYS A 461 -23.06 -24.55 1.61
CA LYS A 461 -23.02 -25.81 2.40
C LYS A 461 -24.38 -26.49 2.42
N ALA A 462 -25.39 -25.88 1.80
CA ALA A 462 -26.78 -26.33 1.86
C ALA A 462 -27.16 -26.61 3.31
N ASP A 463 -26.88 -25.67 4.21
CA ASP A 463 -27.06 -25.88 5.64
C ASP A 463 -27.24 -24.56 6.42
N ASN A 464 -28.46 -24.28 6.89
CA ASN A 464 -28.68 -23.02 7.60
C ASN A 464 -28.19 -23.00 9.03
N SER A 465 -27.59 -24.09 9.50
CA SER A 465 -26.85 -24.07 10.76
C SER A 465 -25.32 -23.80 10.59
N ALA A 466 -24.77 -23.81 9.36
CA ALA A 466 -23.36 -23.39 9.13
C ALA A 466 -23.22 -21.88 9.42
N ASN A 467 -22.06 -21.46 9.95
CA ASN A 467 -21.87 -20.04 10.28
C ASN A 467 -20.39 -19.71 10.12
N LEU A 468 -20.07 -18.42 10.11
CA LEU A 468 -18.73 -17.93 10.00
C LEU A 468 -18.38 -17.15 11.24
N ASN A 469 -18.91 -17.54 12.39
CA ASN A 469 -18.53 -16.89 13.64
CA ASN A 469 -18.54 -16.89 13.65
C ASN A 469 -17.03 -16.91 13.88
N GLN A 470 -16.42 -18.08 13.60
CA GLN A 470 -15.00 -18.20 13.80
C GLN A 470 -14.21 -17.24 12.93
N TYR A 471 -14.74 -17.00 11.74
CA TYR A 471 -14.05 -16.17 10.72
C TYR A 471 -13.76 -14.77 11.30
N LEU A 472 -14.63 -14.28 12.21
CA LEU A 472 -14.47 -12.95 12.82
C LEU A 472 -13.15 -12.74 13.53
N LEU A 473 -12.54 -13.84 13.96
CA LEU A 473 -11.23 -13.76 14.61
C LEU A 473 -10.19 -13.25 13.62
N TRP A 474 -10.39 -13.40 12.29
CA TRP A 474 -9.45 -12.74 11.40
C TRP A 474 -9.46 -11.20 11.52
N PHE A 475 -10.61 -10.62 11.99
CA PHE A 475 -10.75 -9.20 12.25
C PHE A 475 -10.21 -8.74 13.59
N SER A 476 -10.36 -9.57 14.61
CA SER A 476 -10.03 -9.16 15.98
C SER A 476 -8.67 -9.62 16.51
N GLN A 477 -8.11 -10.70 15.98
CA GLN A 477 -6.88 -11.29 16.53
C GLN A 477 -5.66 -10.88 15.75
N SER A 478 -4.69 -10.37 16.46
CA SER A 478 -3.41 -9.93 15.81
C SER A 478 -2.48 -11.05 15.71
N GLY A 479 -1.43 -10.82 14.93
CA GLY A 479 -0.33 -11.75 14.74
C GLY A 479 -0.51 -12.71 13.58
N THR A 480 0.61 -13.21 13.05
CA THR A 480 0.56 -14.13 11.91
C THR A 480 0.48 -15.58 12.41
N PRO A 481 -0.54 -16.34 11.97
CA PRO A 481 -0.49 -17.76 12.30
C PRO A 481 0.72 -18.46 11.64
N HIS A 482 1.20 -19.49 12.32
CA HIS A 482 2.18 -20.47 11.86
C HIS A 482 1.50 -21.79 11.58
N VAL A 483 1.65 -22.27 10.36
CA VAL A 483 1.00 -23.51 9.95
C VAL A 483 2.06 -24.52 9.58
N SER A 484 2.06 -25.66 10.29
CA SER A 484 3.12 -26.67 10.08
C SER A 484 2.47 -27.98 9.72
N PHE A 485 3.27 -28.86 9.16
CA PHE A 485 2.78 -30.08 8.52
C PHE A 485 3.63 -31.32 8.85
N LYS A 486 2.93 -32.47 8.93
CA LYS A 486 3.55 -33.78 8.95
C LYS A 486 2.80 -34.68 7.96
N TYR A 487 3.54 -35.59 7.34
CA TYR A 487 3.00 -36.42 6.27
C TYR A 487 3.18 -37.90 6.57
N ASN A 488 2.27 -38.72 6.06
CA ASN A 488 2.40 -40.18 6.15
CA ASN A 488 2.43 -40.15 6.15
C ASN A 488 1.80 -40.81 4.93
N TYR A 489 2.52 -41.76 4.38
CA TYR A 489 2.01 -42.51 3.25
C TYR A 489 1.99 -44.03 3.58
N ASP A 490 0.91 -44.71 3.27
CA ASP A 490 0.79 -46.17 3.48
C ASP A 490 0.68 -46.74 2.04
N ALA A 491 1.75 -47.37 1.56
CA ALA A 491 1.86 -47.82 0.16
C ALA A 491 0.92 -49.01 -0.09
N GLU A 492 0.67 -49.82 0.94
CA GLU A 492 -0.28 -50.93 0.77
C GLU A 492 -1.73 -50.45 0.58
N LYS A 493 -2.15 -49.41 1.33
CA LYS A 493 -3.50 -48.92 1.25
C LYS A 493 -3.66 -47.84 0.17
N LYS A 494 -2.54 -47.37 -0.45
CA LYS A 494 -2.53 -46.19 -1.30
C LYS A 494 -3.21 -44.97 -0.64
N GLN A 495 -2.79 -44.67 0.60
CA GLN A 495 -3.51 -43.69 1.45
C GLN A 495 -2.47 -42.72 2.05
N TYR A 496 -2.78 -41.42 1.97
CA TYR A 496 -1.82 -40.38 2.31
C TYR A 496 -2.49 -39.41 3.23
N SER A 497 -1.78 -39.02 4.29
CA SER A 497 -2.31 -38.10 5.20
C SER A 497 -1.40 -36.88 5.33
N ILE A 498 -2.06 -35.78 5.60
CA ILE A 498 -1.46 -34.48 5.85
C ILE A 498 -2.02 -34.06 7.19
N HIS A 499 -1.15 -34.09 8.19
CA HIS A 499 -1.45 -33.58 9.52
C HIS A 499 -1.02 -32.14 9.64
N VAL A 500 -1.92 -31.27 10.11
CA VAL A 500 -1.71 -29.80 10.06
C VAL A 500 -1.90 -29.25 11.47
N ASN A 501 -1.04 -28.33 11.87
CA ASN A 501 -1.11 -27.64 13.10
C ASN A 501 -1.07 -26.11 12.83
N GLN A 502 -1.82 -25.32 13.62
CA GLN A 502 -1.71 -23.86 13.55
C GLN A 502 -1.41 -23.33 14.96
N TYR A 503 -0.66 -22.24 14.99
CA TYR A 503 -0.21 -21.57 16.24
C TYR A 503 -0.06 -20.08 15.96
N THR A 504 -0.60 -19.24 16.80
CA THR A 504 -0.31 -17.83 16.74
C THR A 504 0.33 -17.50 18.08
N LYS A 505 1.43 -16.76 18.02
CA LYS A 505 2.16 -16.36 19.22
C LYS A 505 1.36 -15.32 20.01
N PRO A 506 1.25 -15.50 21.34
CA PRO A 506 0.58 -14.48 22.16
C PRO A 506 1.27 -13.17 22.06
N ASP A 507 0.51 -12.08 22.24
CA ASP A 507 1.11 -10.76 22.14
C ASP A 507 0.40 -9.75 23.03
N GLU A 508 0.60 -8.47 22.84
CA GLU A 508 -0.03 -7.49 23.75
C GLU A 508 -1.50 -7.29 23.48
N ASN A 509 -2.03 -7.79 22.36
CA ASN A 509 -3.43 -7.68 22.08
C ASN A 509 -4.23 -8.86 22.64
N GLN A 510 -3.68 -10.06 22.61
CA GLN A 510 -4.31 -11.22 23.19
C GLN A 510 -3.26 -12.10 23.87
N LYS A 511 -3.42 -12.31 25.17
CA LYS A 511 -2.54 -13.26 25.89
C LYS A 511 -2.82 -14.72 25.56
N GLU A 512 -4.05 -15.02 25.08
CA GLU A 512 -4.50 -16.36 24.69
C GLU A 512 -4.97 -16.23 23.21
N LYS A 513 -4.38 -16.96 22.30
CA LYS A 513 -4.78 -16.86 20.88
C LYS A 513 -5.66 -18.03 20.55
N LYS A 514 -6.60 -17.84 19.62
CA LYS A 514 -7.50 -18.89 19.23
C LYS A 514 -7.19 -19.40 17.81
N PRO A 515 -7.55 -20.65 17.53
CA PRO A 515 -7.49 -21.07 16.14
C PRO A 515 -8.40 -20.33 15.19
N LEU A 516 -7.86 -20.07 14.01
CA LEU A 516 -8.57 -19.41 12.91
C LEU A 516 -9.12 -20.41 11.93
N PHE A 517 -10.06 -19.96 11.09
CA PHE A 517 -10.50 -20.71 9.90
C PHE A 517 -9.51 -20.47 8.76
N ILE A 518 -8.68 -21.48 8.44
CA ILE A 518 -7.55 -21.35 7.54
C ILE A 518 -7.82 -22.26 6.35
N PRO A 519 -8.07 -21.66 5.17
CA PRO A 519 -8.22 -22.48 3.97
C PRO A 519 -6.88 -22.77 3.32
N ILE A 520 -6.62 -24.06 3.06
CA ILE A 520 -5.35 -24.51 2.58
C ILE A 520 -5.53 -25.14 1.22
N SER A 521 -5.31 -24.36 0.18
CA SER A 521 -5.40 -24.84 -1.19
CA SER A 521 -5.42 -24.88 -1.18
C SER A 521 -4.22 -25.80 -1.42
N VAL A 522 -4.49 -27.02 -1.91
CA VAL A 522 -3.44 -28.06 -2.00
C VAL A 522 -3.49 -28.81 -3.32
N GLY A 523 -2.33 -29.22 -3.79
CA GLY A 523 -2.29 -30.29 -4.78
C GLY A 523 -1.26 -31.29 -4.33
N LEU A 524 -1.12 -32.34 -5.15
CA LEU A 524 -0.19 -33.43 -4.82
C LEU A 524 0.58 -33.80 -6.08
N ILE A 525 1.91 -33.74 -6.00
CA ILE A 525 2.76 -33.91 -7.16
C ILE A 525 3.41 -35.30 -7.07
N ASN A 526 3.32 -36.08 -8.15
CA ASN A 526 4.05 -37.35 -8.23
C ASN A 526 5.55 -37.04 -8.51
N PRO A 527 6.46 -37.37 -7.57
CA PRO A 527 7.84 -36.97 -7.63
C PRO A 527 8.57 -37.69 -8.76
N GLU A 528 8.01 -38.82 -9.18
CA GLU A 528 8.67 -39.61 -10.16
C GLU A 528 8.49 -39.04 -11.61
N ASN A 529 7.30 -38.49 -11.91
CA ASN A 529 7.00 -37.93 -13.21
C ASN A 529 6.68 -36.45 -13.19
N GLY A 530 6.63 -35.82 -12.01
CA GLY A 530 6.29 -34.41 -11.94
C GLY A 530 4.85 -34.04 -12.24
N LYS A 531 3.91 -34.98 -12.25
CA LYS A 531 2.50 -34.67 -12.61
C LYS A 531 1.57 -34.50 -11.41
N GLU A 532 0.48 -33.81 -11.63
CA GLU A 532 -0.61 -33.59 -10.63
C GLU A 532 -1.21 -34.94 -10.34
N MET A 533 -1.59 -35.20 -9.11
CA MET A 533 -2.22 -36.47 -8.75
C MET A 533 -3.65 -36.32 -8.32
N ILE A 534 -4.07 -35.13 -7.92
CA ILE A 534 -5.49 -34.90 -7.50
C ILE A 534 -6.04 -33.60 -8.14
N SER A 535 -7.35 -33.50 -8.24
CA SER A 535 -8.02 -32.24 -8.50
C SER A 535 -7.68 -31.26 -7.39
N GLN A 536 -7.43 -30.03 -7.74
CA GLN A 536 -7.16 -29.07 -6.73
C GLN A 536 -8.36 -29.04 -5.74
N THR A 537 -7.99 -28.93 -4.47
CA THR A 537 -8.92 -28.98 -3.35
CA THR A 537 -8.90 -29.06 -3.33
C THR A 537 -8.47 -28.01 -2.28
N THR A 538 -9.41 -27.61 -1.45
CA THR A 538 -9.12 -26.70 -0.37
C THR A 538 -9.45 -27.33 0.93
N LEU A 539 -8.40 -27.52 1.74
CA LEU A 539 -8.58 -28.07 3.10
C LEU A 539 -9.08 -26.95 4.01
N GLU A 540 -10.07 -27.23 4.82
CA GLU A 540 -10.57 -26.20 5.76
C GLU A 540 -10.13 -26.55 7.16
N LEU A 541 -9.09 -25.93 7.62
CA LEU A 541 -8.58 -26.12 8.94
C LEU A 541 -9.31 -25.13 9.91
N THR A 542 -10.03 -25.67 10.88
CA THR A 542 -10.72 -24.83 11.85
C THR A 542 -10.28 -25.09 13.28
N LYS A 543 -9.58 -26.18 13.53
CA LYS A 543 -9.13 -26.50 14.90
C LYS A 543 -7.64 -26.19 15.01
N GLU A 544 -7.09 -26.32 16.21
CA GLU A 544 -5.65 -26.17 16.43
C GLU A 544 -4.83 -27.15 15.60
N SER A 545 -5.37 -28.32 15.39
CA SER A 545 -4.78 -29.30 14.45
C SER A 545 -5.82 -30.25 13.87
N ASP A 546 -5.48 -30.87 12.78
CA ASP A 546 -6.40 -31.76 12.09
C ASP A 546 -5.59 -32.61 11.13
N THR A 547 -6.10 -33.81 10.82
CA THR A 547 -5.44 -34.72 9.88
C THR A 547 -6.40 -34.95 8.72
N PHE A 548 -5.89 -34.67 7.54
CA PHE A 548 -6.65 -34.79 6.25
C PHE A 548 -6.09 -36.01 5.48
N VAL A 549 -6.96 -36.99 5.19
CA VAL A 549 -6.53 -38.27 4.58
C VAL A 549 -7.13 -38.38 3.18
N PHE A 550 -6.26 -38.80 2.27
CA PHE A 550 -6.55 -38.94 0.87
C PHE A 550 -6.39 -40.42 0.50
N ASN A 551 -7.46 -40.98 -0.08
CA ASN A 551 -7.38 -42.36 -0.60
C ASN A 551 -7.02 -42.38 -2.11
N ASN A 552 -6.63 -43.56 -2.65
CA ASN A 552 -6.32 -43.75 -4.09
C ASN A 552 -5.17 -42.86 -4.55
N ILE A 553 -4.15 -42.79 -3.67
CA ILE A 553 -2.96 -42.06 -3.95
C ILE A 553 -1.88 -43.04 -4.29
N ALA A 554 -1.53 -43.08 -5.57
CA ALA A 554 -0.81 -44.25 -6.13
C ALA A 554 0.63 -44.44 -5.73
N VAL A 555 1.30 -43.33 -5.41
CA VAL A 555 2.66 -43.30 -4.93
C VAL A 555 2.76 -42.21 -3.89
N LYS A 556 3.82 -42.23 -3.09
CA LYS A 556 4.01 -41.17 -2.12
C LYS A 556 4.22 -39.82 -2.88
N PRO A 557 3.39 -38.81 -2.62
CA PRO A 557 3.47 -37.51 -3.25
C PRO A 557 4.38 -36.54 -2.57
N ILE A 558 4.64 -35.43 -3.28
CA ILE A 558 5.11 -34.21 -2.65
C ILE A 558 3.94 -33.25 -2.66
N PRO A 559 3.58 -32.77 -1.46
CA PRO A 559 2.44 -31.91 -1.34
C PRO A 559 2.79 -30.50 -1.83
N SER A 560 1.82 -29.86 -2.48
CA SER A 560 1.89 -28.51 -2.97
C SER A 560 0.91 -27.70 -2.11
N LEU A 561 1.48 -26.98 -1.12
CA LEU A 561 0.68 -26.40 -0.01
C LEU A 561 0.50 -24.90 -0.08
N PHE A 562 -0.72 -24.49 0.25
CA PHE A 562 -1.11 -23.08 0.21
C PHE A 562 -0.95 -22.51 -1.19
N ARG A 563 -1.48 -23.21 -2.18
CA ARG A 563 -1.47 -22.79 -3.56
C ARG A 563 -2.08 -21.43 -3.71
N GLY A 564 -1.38 -20.63 -4.47
CA GLY A 564 -1.81 -19.22 -4.58
C GLY A 564 -1.65 -18.31 -3.37
N PHE A 565 -0.95 -18.84 -2.35
CA PHE A 565 -0.82 -18.26 -1.02
C PHE A 565 -2.20 -18.07 -0.41
N SER A 566 -2.82 -19.19 -0.10
CA SER A 566 -4.27 -19.22 0.22
C SER A 566 -4.67 -18.75 1.59
N ALA A 567 -3.76 -18.44 2.50
CA ALA A 567 -4.03 -17.75 3.74
C ALA A 567 -2.77 -17.02 4.17
N PRO A 568 -2.93 -15.95 4.94
CA PRO A 568 -1.79 -15.08 5.33
C PRO A 568 -1.05 -15.60 6.60
N VAL A 569 -0.20 -16.58 6.36
CA VAL A 569 0.41 -17.39 7.38
C VAL A 569 1.91 -17.67 7.11
N TYR A 570 2.66 -17.97 8.15
CA TYR A 570 3.99 -18.57 8.02
C TYR A 570 3.75 -20.04 7.69
N ILE A 571 4.35 -20.48 6.61
CA ILE A 571 4.20 -21.88 6.17
C ILE A 571 5.46 -22.64 6.56
N GLU A 572 5.32 -23.72 7.33
CA GLU A 572 6.45 -24.59 7.71
C GLU A 572 6.22 -25.89 6.96
N ASP A 573 6.74 -25.98 5.72
CA ASP A 573 6.41 -27.14 4.85
C ASP A 573 6.97 -28.52 5.30
N ASN A 574 7.96 -28.53 6.21
CA ASN A 574 8.59 -29.76 6.63
C ASN A 574 9.04 -30.61 5.46
N LEU A 575 9.42 -29.94 4.36
CA LEU A 575 9.93 -30.63 3.16
C LEU A 575 11.45 -30.62 3.13
N THR A 576 12.05 -31.66 2.53
CA THR A 576 13.50 -31.61 2.29
C THR A 576 13.81 -30.66 1.14
N ASP A 577 15.08 -30.28 1.04
CA ASP A 577 15.44 -29.48 -0.10
C ASP A 577 15.26 -30.23 -1.43
N GLU A 578 15.41 -31.55 -1.41
CA GLU A 578 15.21 -32.35 -2.64
C GLU A 578 13.73 -32.33 -3.12
N GLU A 579 12.82 -32.43 -2.14
CA GLU A 579 11.41 -32.24 -2.39
C GLU A 579 11.10 -30.84 -2.87
N ARG A 580 11.67 -29.82 -2.23
CA ARG A 580 11.48 -28.43 -2.68
C ARG A 580 11.97 -28.17 -4.10
N ILE A 581 13.11 -28.75 -4.47
CA ILE A 581 13.62 -28.60 -5.84
C ILE A 581 12.65 -29.20 -6.84
N LEU A 582 12.13 -30.37 -6.53
CA LEU A 582 11.16 -30.99 -7.41
C LEU A 582 9.90 -30.16 -7.61
N LEU A 583 9.38 -29.51 -6.55
CA LEU A 583 8.26 -28.61 -6.69
C LEU A 583 8.66 -27.39 -7.55
N LEU A 584 9.84 -26.82 -7.27
CA LEU A 584 10.30 -25.64 -8.01
C LEU A 584 10.31 -25.96 -9.50
N LYS A 585 10.74 -27.19 -9.84
CA LYS A 585 10.85 -27.58 -11.26
C LYS A 585 9.51 -27.92 -11.92
N TYR A 586 8.65 -28.66 -11.24
CA TYR A 586 7.52 -29.37 -11.83
C TYR A 586 6.16 -29.00 -11.33
N ASP A 587 6.05 -28.32 -10.18
CA ASP A 587 4.68 -27.93 -9.71
C ASP A 587 4.00 -26.93 -10.69
N SER A 588 2.67 -26.86 -10.69
CA SER A 588 1.94 -25.99 -11.59
C SER A 588 1.73 -24.61 -10.94
N ASP A 589 1.72 -24.58 -9.60
CA ASP A 589 1.36 -23.34 -8.90
C ASP A 589 2.58 -22.42 -8.77
N ALA A 590 2.49 -21.21 -9.29
CA ALA A 590 3.60 -20.26 -9.23
C ALA A 590 4.01 -19.92 -7.80
N PHE A 591 3.03 -19.66 -6.93
CA PHE A 591 3.37 -19.37 -5.54
C PHE A 591 4.16 -20.51 -4.88
N VAL A 592 3.66 -21.75 -5.01
CA VAL A 592 4.35 -22.86 -4.37
C VAL A 592 5.75 -23.06 -4.94
N ARG A 593 5.93 -22.87 -6.22
CA ARG A 593 7.30 -22.96 -6.81
C ARG A 593 8.20 -21.90 -6.19
N TYR A 594 7.73 -20.67 -6.18
CA TYR A 594 8.46 -19.55 -5.57
C TYR A 594 8.73 -19.78 -4.08
N ASN A 595 7.72 -20.21 -3.33
CA ASN A 595 7.88 -20.52 -1.91
C ASN A 595 8.87 -21.62 -1.62
N SER A 596 8.83 -22.69 -2.46
CA SER A 596 9.81 -23.77 -2.37
C SER A 596 11.22 -23.19 -2.50
N CYS A 597 11.40 -22.31 -3.48
CA CYS A 597 12.69 -21.68 -3.69
C CYS A 597 13.07 -20.81 -2.48
N THR A 598 12.08 -20.04 -1.98
CA THR A 598 12.28 -19.19 -0.83
C THR A 598 12.75 -19.97 0.42
N ASN A 599 12.13 -21.13 0.63
CA ASN A 599 12.45 -21.97 1.73
C ASN A 599 13.85 -22.56 1.63
N ILE A 600 14.30 -22.88 0.41
CA ILE A 600 15.66 -23.38 0.18
C ILE A 600 16.62 -22.29 0.53
N TYR A 601 16.35 -21.09 0.05
CA TYR A 601 17.20 -19.96 0.39
C TYR A 601 17.23 -19.69 1.89
N MET A 602 16.05 -19.72 2.56
CA MET A 602 16.01 -19.45 4.00
C MET A 602 16.81 -20.44 4.81
N LYS A 603 16.72 -21.74 4.46
CA LYS A 603 17.50 -22.78 5.14
C LYS A 603 19.00 -22.44 5.02
N GLN A 604 19.39 -22.03 3.81
CA GLN A 604 20.82 -21.72 3.57
C GLN A 604 21.22 -20.47 4.31
N ILE A 605 20.38 -19.42 4.24
CA ILE A 605 20.69 -18.15 4.91
C ILE A 605 20.82 -18.34 6.44
N LEU A 606 19.88 -19.04 7.05
CA LEU A 606 19.99 -19.29 8.52
C LEU A 606 21.28 -20.06 8.88
N MET A 607 21.60 -21.06 8.07
CA MET A 607 22.78 -21.90 8.35
C MET A 607 24.08 -21.08 8.22
N ASN A 608 24.22 -20.34 7.14
CA ASN A 608 25.43 -19.52 6.90
C ASN A 608 25.47 -18.36 7.87
N TYR A 609 24.31 -17.76 8.17
CA TYR A 609 24.22 -16.69 9.18
C TYR A 609 24.78 -17.19 10.53
N ASN A 610 24.33 -18.37 10.97
CA ASN A 610 24.82 -18.93 12.23
C ASN A 610 26.33 -19.22 12.18
N GLU A 611 26.81 -19.72 11.07
CA GLU A 611 28.25 -19.97 10.84
C GLU A 611 29.11 -18.70 10.95
N PHE A 612 28.74 -17.65 10.23
CA PHE A 612 29.40 -16.36 10.33
C PHE A 612 29.29 -15.77 11.72
N LEU A 613 28.13 -15.93 12.34
CA LEU A 613 27.92 -15.29 13.68
C LEU A 613 28.82 -15.93 14.72
N LYS A 614 28.91 -17.26 14.66
CA LYS A 614 29.76 -18.00 15.58
C LYS A 614 31.20 -17.62 15.36
N ALA A 615 31.64 -17.51 14.12
CA ALA A 615 32.98 -17.05 13.84
C ALA A 615 33.29 -15.64 14.40
N LYS A 616 32.33 -14.71 14.28
CA LYS A 616 32.53 -13.33 14.73
C LYS A 616 32.61 -13.35 16.24
N ASN A 617 31.69 -14.09 16.85
CA ASN A 617 31.55 -14.01 18.34
C ASN A 617 32.69 -14.70 19.01
N GLU A 618 33.06 -15.86 18.48
CA GLU A 618 34.16 -16.62 19.05
C GLU A 618 35.57 -16.15 18.60
N LYS A 619 35.63 -15.12 17.73
CA LYS A 619 36.86 -14.60 17.14
C LYS A 619 37.71 -15.70 16.48
N LEU A 620 37.07 -16.51 15.63
CA LEU A 620 37.75 -17.70 15.11
C LEU A 620 38.75 -17.28 14.02
N GLU A 621 39.89 -17.94 13.98
CA GLU A 621 40.87 -17.71 12.95
C GLU A 621 40.50 -18.42 11.65
N SER A 622 39.69 -19.47 11.75
CA SER A 622 39.19 -20.17 10.56
C SER A 622 37.89 -20.88 10.88
N PHE A 623 37.09 -21.19 9.86
CA PHE A 623 35.78 -21.84 10.08
C PHE A 623 35.27 -22.30 8.73
N ASN A 624 34.19 -23.06 8.72
CA ASN A 624 33.61 -23.52 7.50
C ASN A 624 32.28 -22.82 7.26
N LEU A 625 31.94 -22.71 5.97
CA LEU A 625 30.62 -22.39 5.55
C LEU A 625 29.98 -23.55 4.76
N THR A 626 28.68 -23.73 4.97
CA THR A 626 27.93 -24.76 4.29
C THR A 626 27.74 -24.25 2.87
N PRO A 627 28.16 -24.97 1.85
CA PRO A 627 27.90 -24.50 0.48
C PRO A 627 26.45 -24.49 0.08
N VAL A 628 26.13 -23.68 -0.90
CA VAL A 628 24.76 -23.70 -1.46
C VAL A 628 24.47 -25.02 -2.14
N ASN A 629 23.29 -25.62 -2.00
CA ASN A 629 22.96 -26.96 -2.59
C ASN A 629 23.14 -26.96 -4.13
N ALA A 630 23.96 -27.89 -4.65
CA ALA A 630 24.40 -27.86 -6.04
C ALA A 630 23.20 -28.25 -6.93
N GLN A 631 22.32 -29.09 -6.38
CA GLN A 631 21.10 -29.51 -7.10
C GLN A 631 20.09 -28.35 -7.28
N PHE A 632 20.05 -27.49 -6.29
CA PHE A 632 19.30 -26.25 -6.36
C PHE A 632 19.85 -25.31 -7.44
N ILE A 633 21.16 -25.15 -7.47
CA ILE A 633 21.76 -24.27 -8.50
C ILE A 633 21.42 -24.85 -9.91
N ASP A 634 21.49 -26.16 -10.06
CA ASP A 634 21.17 -26.81 -11.36
C ASP A 634 19.70 -26.53 -11.72
N ALA A 635 18.84 -26.54 -10.70
CA ALA A 635 17.41 -26.27 -10.90
C ALA A 635 17.18 -24.81 -11.30
N ILE A 636 17.88 -23.89 -10.68
CA ILE A 636 17.89 -22.49 -11.15
C ILE A 636 18.24 -22.37 -12.67
N LYS A 637 19.34 -23.01 -13.07
CA LYS A 637 19.80 -22.95 -14.45
C LYS A 637 18.71 -23.50 -15.35
N TYR A 638 18.14 -24.63 -14.96
CA TYR A 638 17.06 -25.27 -15.77
C TYR A 638 15.87 -24.34 -16.00
N LEU A 639 15.39 -23.69 -14.95
CA LEU A 639 14.31 -22.67 -15.09
C LEU A 639 14.75 -21.49 -15.93
N LEU A 640 15.93 -20.94 -15.67
CA LEU A 640 16.38 -19.81 -16.47
C LEU A 640 16.39 -20.09 -18.01
N GLU A 641 16.86 -21.26 -18.39
CA GLU A 641 16.87 -21.70 -19.79
C GLU A 641 15.48 -22.14 -20.36
N ASP A 642 14.51 -22.40 -19.52
CA ASP A 642 13.18 -22.81 -19.98
C ASP A 642 12.52 -21.59 -20.66
N PRO A 643 12.33 -21.64 -22.00
CA PRO A 643 11.72 -20.46 -22.64
C PRO A 643 10.26 -20.23 -22.34
N HIS A 644 9.57 -21.18 -21.67
CA HIS A 644 8.17 -21.00 -21.33
C HIS A 644 7.88 -20.79 -19.83
N ALA A 645 8.92 -20.44 -19.05
CA ALA A 645 8.74 -19.90 -17.73
C ALA A 645 8.71 -18.39 -17.88
N ASP A 646 7.88 -17.76 -17.05
CA ASP A 646 7.62 -16.34 -17.02
C ASP A 646 8.95 -15.64 -16.65
N ALA A 647 9.32 -14.63 -17.42
CA ALA A 647 10.52 -13.86 -17.11
C ALA A 647 10.46 -13.17 -15.78
N GLY A 648 9.27 -12.72 -15.38
CA GLY A 648 9.08 -12.18 -14.07
C GLY A 648 9.33 -13.19 -12.95
N PHE A 649 8.78 -14.37 -13.13
CA PHE A 649 8.98 -15.45 -12.16
C PHE A 649 10.47 -15.74 -12.04
N LYS A 650 11.21 -15.71 -13.16
CA LYS A 650 12.63 -16.00 -13.15
C LYS A 650 13.39 -14.98 -12.30
N SER A 651 13.01 -13.71 -12.40
CA SER A 651 13.71 -12.71 -11.61
C SER A 651 13.51 -12.90 -10.07
N TYR A 652 12.40 -13.46 -9.65
CA TYR A 652 12.22 -13.85 -8.27
C TYR A 652 13.08 -15.05 -7.82
N ILE A 653 13.40 -15.96 -8.72
CA ILE A 653 14.18 -17.17 -8.38
C ILE A 653 15.69 -16.87 -8.24
N VAL A 654 16.22 -15.90 -8.99
CA VAL A 654 17.61 -15.53 -8.88
C VAL A 654 17.88 -14.50 -7.82
N SER A 655 16.84 -13.98 -7.18
CA SER A 655 16.99 -13.04 -6.07
CA SER A 655 17.02 -13.05 -6.06
C SER A 655 16.77 -13.74 -4.72
N LEU A 656 17.58 -13.38 -3.72
CA LEU A 656 17.37 -13.91 -2.39
C LEU A 656 16.11 -13.23 -1.81
N PRO A 657 15.50 -13.85 -0.82
CA PRO A 657 14.44 -13.23 -0.05
C PRO A 657 14.84 -11.85 0.47
N GLN A 658 13.87 -10.94 0.47
CA GLN A 658 14.03 -9.60 1.03
C GLN A 658 14.53 -9.64 2.45
N ASP A 659 15.28 -8.61 2.83
CA ASP A 659 15.82 -8.55 4.19
C ASP A 659 14.76 -8.48 5.26
N ARG A 660 13.71 -7.73 5.00
CA ARG A 660 12.58 -7.69 5.92
C ARG A 660 11.77 -8.97 6.04
N TYR A 661 11.85 -9.87 5.06
CA TYR A 661 11.36 -11.24 5.24
C TYR A 661 12.27 -12.07 6.12
N ILE A 662 13.56 -12.05 5.82
CA ILE A 662 14.59 -12.81 6.55
C ILE A 662 14.58 -12.49 8.06
N ILE A 663 14.48 -11.21 8.39
CA ILE A 663 14.51 -10.81 9.80
C ILE A 663 13.39 -11.44 10.70
N ASN A 664 12.26 -11.80 10.11
CA ASN A 664 11.21 -12.49 10.87
C ASN A 664 11.69 -13.83 11.39
N PHE A 665 12.80 -14.40 10.85
CA PHE A 665 13.27 -15.67 11.27
C PHE A 665 14.52 -15.64 12.16
N VAL A 666 15.01 -14.43 12.50
CA VAL A 666 16.23 -14.28 13.29
C VAL A 666 15.98 -13.37 14.48
N SER A 667 16.39 -13.80 15.67
CA SER A 667 16.36 -12.90 16.80
CA SER A 667 16.37 -12.92 16.83
C SER A 667 17.75 -12.33 16.99
N ASN A 668 17.81 -11.08 17.40
CA ASN A 668 19.02 -10.34 17.68
C ASN A 668 19.93 -10.24 16.41
N LEU A 669 19.27 -9.93 15.30
CA LEU A 669 19.93 -10.01 13.98
C LEU A 669 21.06 -9.02 13.85
N ASP A 670 22.29 -9.53 13.60
CA ASP A 670 23.44 -8.71 13.30
C ASP A 670 23.42 -8.48 11.76
N THR A 671 23.15 -7.25 11.37
CA THR A 671 22.96 -6.86 9.98
C THR A 671 24.20 -7.02 9.18
N ASP A 672 25.39 -6.88 9.79
CA ASP A 672 26.62 -7.03 9.01
CA ASP A 672 26.68 -7.05 9.10
C ASP A 672 26.88 -8.51 8.70
N VAL A 673 26.56 -9.38 9.68
CA VAL A 673 26.64 -10.85 9.47
C VAL A 673 25.65 -11.28 8.38
N LEU A 674 24.45 -10.72 8.44
CA LEU A 674 23.51 -10.98 7.34
C LEU A 674 24.00 -10.52 5.97
N ALA A 675 24.54 -9.32 5.90
CA ALA A 675 25.09 -8.83 4.62
C ALA A 675 26.20 -9.77 4.13
N ASP A 676 27.08 -10.18 5.03
CA ASP A 676 28.13 -11.14 4.62
C ASP A 676 27.54 -12.46 4.10
N THR A 677 26.51 -12.96 4.78
CA THR A 677 25.80 -14.14 4.38
C THR A 677 25.21 -14.02 3.00
N LYS A 678 24.48 -12.95 2.73
CA LYS A 678 23.91 -12.76 1.40
C LYS A 678 24.98 -12.73 0.33
N GLU A 679 26.07 -12.01 0.58
CA GLU A 679 27.18 -11.90 -0.39
C GLU A 679 27.80 -13.24 -0.72
N TYR A 680 27.99 -14.06 0.31
CA TYR A 680 28.44 -15.47 0.11
C TYR A 680 27.56 -16.30 -0.76
N ILE A 681 26.26 -16.27 -0.46
CA ILE A 681 25.29 -17.09 -1.20
C ILE A 681 25.24 -16.65 -2.65
N TYR A 682 25.13 -15.35 -2.88
CA TYR A 682 25.13 -14.82 -4.27
C TYR A 682 26.41 -15.21 -5.04
N LYS A 683 27.54 -15.13 -4.39
CA LYS A 683 28.84 -15.46 -5.03
C LYS A 683 28.93 -16.93 -5.34
N GLN A 684 28.44 -17.77 -4.45
CA GLN A 684 28.36 -19.21 -4.70
C GLN A 684 27.54 -19.55 -5.96
N ILE A 685 26.39 -18.92 -6.10
CA ILE A 685 25.52 -19.24 -7.22
C ILE A 685 26.13 -18.63 -8.49
N GLY A 686 26.65 -17.41 -8.39
CA GLY A 686 27.25 -16.72 -9.55
C GLY A 686 28.43 -17.45 -10.10
N ASP A 687 29.24 -17.98 -9.19
CA ASP A 687 30.39 -18.78 -9.61
C ASP A 687 30.00 -19.93 -10.51
N LYS A 688 28.81 -20.47 -10.30
CA LYS A 688 28.29 -21.50 -11.17
C LYS A 688 27.49 -20.98 -12.39
N LEU A 689 26.76 -19.90 -12.27
CA LEU A 689 25.71 -19.50 -13.23
C LEU A 689 26.04 -18.21 -13.99
N ASN A 690 27.16 -17.55 -13.73
CA ASN A 690 27.33 -16.23 -14.37
C ASN A 690 27.35 -16.29 -15.89
N ASP A 691 27.88 -17.35 -16.47
CA ASP A 691 27.87 -17.47 -17.95
C ASP A 691 26.44 -17.63 -18.50
N VAL A 692 25.61 -18.39 -17.76
CA VAL A 692 24.20 -18.57 -18.09
C VAL A 692 23.52 -17.20 -17.98
N TYR A 693 23.79 -16.49 -16.89
CA TYR A 693 23.24 -15.15 -16.73
C TYR A 693 23.56 -14.19 -17.88
N TYR A 694 24.82 -14.14 -18.21
CA TYR A 694 25.26 -13.34 -19.36
C TYR A 694 24.62 -13.76 -20.70
N LYS A 695 24.55 -15.05 -20.97
CA LYS A 695 23.95 -15.55 -22.19
C LYS A 695 22.46 -15.16 -22.24
N MET A 696 21.75 -15.32 -21.16
CA MET A 696 20.38 -14.85 -21.11
C MET A 696 20.16 -13.33 -21.22
N PHE A 697 21.04 -12.58 -20.57
CA PHE A 697 21.02 -11.13 -20.66
C PHE A 697 21.11 -10.71 -22.15
N LYS A 698 22.03 -11.31 -22.91
CA LYS A 698 22.13 -10.99 -24.36
C LYS A 698 20.94 -11.56 -25.22
N SER A 699 20.53 -12.78 -24.95
CA SER A 699 19.42 -13.42 -25.73
C SER A 699 18.10 -12.76 -25.50
N LEU A 700 17.91 -12.16 -24.32
CA LEU A 700 16.63 -11.46 -24.03
C LEU A 700 16.52 -10.07 -24.68
N GLU A 701 17.61 -9.51 -25.18
CA GLU A 701 17.70 -8.10 -25.62
C GLU A 701 16.69 -7.74 -26.66
N ALA A 702 16.57 -8.59 -27.70
CA ALA A 702 15.77 -8.21 -28.87
C ALA A 702 14.32 -8.07 -28.41
N LYS A 703 13.79 -9.06 -27.66
CA LYS A 703 12.38 -9.00 -27.26
C LYS A 703 12.15 -8.00 -26.15
N ALA A 704 13.05 -7.97 -25.21
CA ALA A 704 12.96 -7.04 -24.10
C ALA A 704 12.93 -5.55 -24.52
N ASP A 705 13.74 -5.15 -25.48
CA ASP A 705 13.84 -3.74 -25.78
C ASP A 705 13.18 -3.36 -27.13
N ASP A 706 12.38 -4.27 -27.69
CA ASP A 706 11.58 -4.02 -28.89
C ASP A 706 10.68 -2.81 -28.65
N LEU A 707 10.51 -1.97 -29.67
CA LEU A 707 9.84 -0.67 -29.51
C LEU A 707 8.38 -0.68 -29.91
N THR A 708 7.78 -1.87 -30.05
CA THR A 708 6.35 -1.96 -30.26
C THR A 708 5.67 -1.23 -29.11
N TYR A 709 4.69 -0.42 -29.46
CA TYR A 709 3.92 0.36 -28.52
C TYR A 709 4.65 1.51 -27.84
N PHE A 710 5.88 1.84 -28.26
CA PHE A 710 6.63 2.90 -27.55
C PHE A 710 5.97 4.27 -27.64
N ASN A 711 5.06 4.47 -28.63
CA ASN A 711 4.39 5.72 -28.80
C ASN A 711 2.95 5.58 -28.37
N ASP A 712 2.56 4.45 -27.82
CA ASP A 712 1.17 4.12 -27.54
C ASP A 712 0.98 4.03 -26.00
N GLU A 713 0.30 5.04 -25.48
CA GLU A 713 0.12 5.12 -24.05
C GLU A 713 -1.18 4.45 -23.61
N SER A 714 -1.82 3.70 -24.51
CA SER A 714 -3.00 2.94 -24.17
C SER A 714 -2.80 1.45 -24.11
N HIS A 715 -1.61 0.94 -24.47
CA HIS A 715 -1.29 -0.48 -24.49
C HIS A 715 0.06 -0.65 -23.79
N VAL A 716 0.15 -1.63 -22.91
CA VAL A 716 1.41 -1.96 -22.20
C VAL A 716 1.58 -3.46 -22.31
N ASP A 717 2.77 -3.91 -22.72
CA ASP A 717 3.06 -5.35 -22.73
C ASP A 717 3.75 -5.71 -21.39
N PHE A 718 2.97 -6.26 -20.46
CA PHE A 718 3.52 -6.59 -19.13
C PHE A 718 4.53 -7.74 -19.13
N ASP A 719 4.40 -8.62 -20.11
CA ASP A 719 5.41 -9.65 -20.32
C ASP A 719 6.75 -9.11 -20.75
N GLN A 720 6.73 -8.17 -21.69
CA GLN A 720 7.86 -7.49 -22.10
C GLN A 720 8.52 -6.72 -20.96
N MET A 721 7.75 -6.03 -20.16
CA MET A 721 8.29 -5.41 -19.01
C MET A 721 8.94 -6.36 -18.07
N ASN A 722 8.34 -7.52 -17.80
CA ASN A 722 9.02 -8.55 -16.97
C ASN A 722 10.35 -9.02 -17.60
N MET A 723 10.44 -9.08 -18.94
CA MET A 723 11.73 -9.37 -19.56
C MET A 723 12.82 -8.31 -19.27
N ARG A 724 12.43 -7.06 -19.31
CA ARG A 724 13.33 -6.02 -18.92
C ARG A 724 13.73 -6.16 -17.43
N THR A 725 12.77 -6.51 -16.57
CA THR A 725 13.06 -6.72 -15.15
C THR A 725 14.11 -7.79 -14.98
N LEU A 726 13.96 -8.90 -15.67
CA LEU A 726 14.91 -9.97 -15.60
C LEU A 726 16.27 -9.54 -16.15
N ARG A 727 16.32 -8.84 -17.26
CA ARG A 727 17.63 -8.36 -17.76
C ARG A 727 18.32 -7.49 -16.78
N ASN A 728 17.54 -6.64 -16.15
CA ASN A 728 18.12 -5.69 -15.24
C ASN A 728 18.56 -6.33 -13.89
N THR A 729 17.84 -7.36 -13.50
CA THR A 729 18.26 -8.24 -12.37
C THR A 729 19.58 -8.95 -12.68
N LEU A 730 19.65 -9.57 -13.86
CA LEU A 730 20.86 -10.28 -14.32
C LEU A 730 22.04 -9.33 -14.43
N LEU A 731 21.78 -8.11 -14.90
CA LEU A 731 22.87 -7.16 -15.10
C LEU A 731 23.38 -6.74 -13.77
N SER A 732 22.53 -6.65 -12.76
CA SER A 732 22.99 -6.26 -11.44
C SER A 732 23.89 -7.39 -10.85
N LEU A 733 23.46 -8.63 -11.01
CA LEU A 733 24.23 -9.78 -10.52
C LEU A 733 25.64 -9.86 -11.17
N LEU A 734 25.70 -9.62 -12.48
CA LEU A 734 26.90 -9.66 -13.28
C LEU A 734 27.81 -8.50 -12.93
N SER A 735 27.24 -7.34 -12.60
CA SER A 735 28.03 -6.16 -12.26
C SER A 735 28.70 -6.33 -10.90
N LYS A 736 27.91 -6.74 -9.90
CA LYS A 736 28.44 -7.00 -8.57
C LYS A 736 29.57 -8.05 -8.67
N ALA A 737 29.39 -9.03 -9.54
CA ALA A 737 30.38 -10.08 -9.77
C ALA A 737 31.64 -9.61 -10.51
N GLN A 738 31.63 -8.41 -11.02
CA GLN A 738 32.73 -7.95 -11.94
C GLN A 738 32.95 -8.93 -13.07
N TYR A 739 31.86 -9.40 -13.67
CA TYR A 739 31.97 -10.29 -14.81
C TYR A 739 32.80 -9.66 -15.91
N PRO A 740 33.68 -10.42 -16.61
CA PRO A 740 34.57 -9.79 -17.61
C PRO A 740 33.85 -8.95 -18.62
N ASN A 741 34.33 -7.71 -18.77
CA ASN A 741 33.84 -6.77 -19.78
C ASN A 741 32.38 -6.36 -19.60
N ILE A 742 31.82 -6.52 -18.41
CA ILE A 742 30.41 -6.14 -18.21
C ILE A 742 30.22 -4.61 -18.22
N LEU A 743 31.29 -3.86 -17.92
CA LEU A 743 31.23 -2.41 -18.03
C LEU A 743 30.81 -1.99 -19.44
N ASN A 744 31.23 -2.69 -20.49
CA ASN A 744 30.80 -2.32 -21.87
C ASN A 744 29.30 -2.45 -22.00
N GLU A 745 28.76 -3.53 -21.43
CA GLU A 745 27.34 -3.77 -21.47
C GLU A 745 26.60 -2.69 -20.69
N ILE A 746 27.16 -2.21 -19.58
CA ILE A 746 26.49 -1.20 -18.76
C ILE A 746 26.46 0.13 -19.53
N ILE A 747 27.56 0.48 -20.17
CA ILE A 747 27.62 1.70 -21.01
C ILE A 747 26.65 1.67 -22.14
N GLU A 748 26.56 0.56 -22.85
CA GLU A 748 25.55 0.39 -23.92
C GLU A 748 24.12 0.48 -23.38
N HIS A 749 23.91 -0.13 -22.23
CA HIS A 749 22.61 -0.09 -21.55
C HIS A 749 22.19 1.31 -21.19
N SER A 750 23.14 2.19 -20.85
CA SER A 750 22.88 3.60 -20.59
C SER A 750 22.37 4.42 -21.79
N LYS A 751 22.48 3.86 -22.99
CA LYS A 751 22.01 4.47 -24.23
C LYS A 751 20.59 4.04 -24.60
N SER A 752 19.94 3.16 -23.83
CA SER A 752 18.62 2.70 -24.12
C SER A 752 17.60 3.76 -24.01
N PRO A 753 16.55 3.73 -24.88
CA PRO A 753 15.51 4.74 -24.72
C PRO A 753 14.53 4.46 -23.57
N TYR A 754 14.63 3.30 -22.92
CA TYR A 754 13.80 2.96 -21.77
C TYR A 754 14.40 3.40 -20.47
N PRO A 755 13.74 4.32 -19.73
CA PRO A 755 14.24 4.75 -18.40
C PRO A 755 14.54 3.64 -17.42
N SER A 756 13.81 2.57 -17.47
CA SER A 756 14.12 1.40 -16.61
C SER A 756 15.54 0.88 -16.86
N ASN A 757 15.98 0.86 -18.12
CA ASN A 757 17.29 0.46 -18.47
C ASN A 757 18.37 1.47 -18.14
N TRP A 758 18.20 2.73 -18.53
CA TRP A 758 19.25 3.69 -18.28
C TRP A 758 19.40 4.06 -16.82
N LEU A 759 18.32 4.01 -16.06
CA LEU A 759 18.55 4.13 -14.63
C LEU A 759 19.17 2.88 -13.97
N THR A 760 18.85 1.67 -14.43
CA THR A 760 19.55 0.49 -13.97
C THR A 760 21.06 0.66 -14.28
N SER A 761 21.39 1.20 -15.46
CA SER A 761 22.84 1.41 -15.78
C SER A 761 23.48 2.26 -14.73
N LEU A 762 22.81 3.29 -14.21
CA LEU A 762 23.37 4.03 -13.07
C LEU A 762 23.57 3.14 -11.79
N SER A 763 22.54 2.42 -11.32
CA SER A 763 22.75 1.57 -10.07
C SER A 763 23.86 0.59 -10.25
N VAL A 764 23.87 -0.10 -11.39
CA VAL A 764 24.83 -1.21 -11.57
C VAL A 764 26.26 -0.69 -11.77
N SER A 765 26.39 0.58 -12.20
CA SER A 765 27.69 1.22 -12.43
C SER A 765 28.33 1.53 -11.08
N ALA A 766 27.54 1.43 -9.99
CA ALA A 766 28.10 1.62 -8.64
C ALA A 766 29.40 0.85 -8.35
N TYR A 767 29.53 -0.31 -8.97
CA TYR A 767 30.68 -1.19 -8.78
C TYR A 767 31.90 -0.81 -9.63
N PHE A 768 31.84 0.31 -10.35
CA PHE A 768 32.90 0.72 -11.26
C PHE A 768 33.20 2.22 -11.11
N ASP A 769 34.35 2.61 -11.65
CA ASP A 769 34.83 3.99 -11.69
C ASP A 769 33.90 4.92 -12.47
N LYS A 770 33.23 4.36 -13.46
CA LYS A 770 32.31 5.13 -14.27
C LYS A 770 31.06 5.63 -13.54
N TYR A 771 30.83 5.25 -12.27
CA TYR A 771 29.63 5.68 -11.55
C TYR A 771 29.33 7.19 -11.66
N PHE A 772 30.32 8.04 -11.36
CA PHE A 772 30.04 9.47 -11.40
C PHE A 772 29.76 10.02 -12.79
N GLU A 773 30.27 9.40 -13.83
CA GLU A 773 29.93 9.90 -15.16
C GLU A 773 28.48 9.53 -15.48
N LEU A 774 28.08 8.32 -15.12
CA LEU A 774 26.69 7.88 -15.26
C LEU A 774 25.72 8.66 -14.40
N TYR A 775 26.14 8.98 -13.18
CA TYR A 775 25.40 9.89 -12.31
C TYR A 775 25.12 11.23 -13.00
N ASP A 776 26.14 11.88 -13.58
CA ASP A 776 25.90 13.10 -14.36
C ASP A 776 25.01 12.94 -15.64
N LYS A 777 25.23 11.84 -16.36
CA LYS A 777 24.56 11.63 -17.58
C LYS A 777 23.09 11.47 -17.28
N THR A 778 22.78 10.61 -16.31
CA THR A 778 21.40 10.25 -16.05
C THR A 778 20.67 11.45 -15.36
N TYR A 779 21.42 12.22 -14.59
CA TYR A 779 20.88 13.47 -14.00
C TYR A 779 20.38 14.37 -15.10
N LYS A 780 21.21 14.55 -16.12
CA LYS A 780 20.85 15.39 -17.21
C LYS A 780 19.63 14.87 -17.94
N LEU A 781 19.51 13.56 -18.08
CA LEU A 781 18.32 12.98 -18.73
C LEU A 781 17.02 13.10 -17.92
N SER A 782 17.15 13.33 -16.62
CA SER A 782 16.04 13.25 -15.64
C SER A 782 15.56 14.59 -15.15
N LYS A 783 16.42 15.60 -15.25
CA LYS A 783 16.22 16.79 -14.44
C LYS A 783 15.06 17.68 -14.89
N ASP A 784 14.58 17.54 -16.11
CA ASP A 784 13.47 18.40 -16.59
C ASP A 784 12.13 17.78 -16.48
N ASP A 785 11.99 16.59 -15.87
CA ASP A 785 10.65 16.01 -15.63
C ASP A 785 10.65 15.78 -14.12
N GLU A 786 9.71 16.37 -13.38
CA GLU A 786 9.76 16.30 -11.91
C GLU A 786 9.70 14.86 -11.41
N LEU A 787 8.87 14.05 -12.06
CA LEU A 787 8.70 12.64 -11.62
C LEU A 787 9.91 11.75 -11.96
N LEU A 788 10.51 11.98 -13.13
CA LEU A 788 11.72 11.26 -13.53
C LEU A 788 12.90 11.64 -12.67
N LEU A 789 13.01 12.91 -12.31
CA LEU A 789 14.01 13.31 -11.32
C LEU A 789 13.89 12.65 -9.95
N GLN A 790 12.68 12.50 -9.49
CA GLN A 790 12.44 11.73 -8.28
C GLN A 790 12.87 10.24 -8.46
N GLU A 791 12.64 9.66 -9.63
CA GLU A 791 13.11 8.25 -9.86
C GLU A 791 14.64 8.18 -9.86
N TRP A 792 15.27 9.25 -10.41
CA TRP A 792 16.74 9.36 -10.39
C TRP A 792 17.24 9.47 -8.93
N LEU A 793 16.58 10.31 -8.14
CA LEU A 793 16.90 10.40 -6.69
C LEU A 793 16.85 9.07 -5.99
N LYS A 794 15.83 8.27 -6.29
CA LYS A 794 15.71 6.96 -5.65
C LYS A 794 16.88 6.06 -6.04
N THR A 795 17.28 6.18 -7.30
CA THR A 795 18.29 5.28 -7.92
C THR A 795 19.62 5.59 -7.27
N VAL A 796 19.85 6.87 -7.03
CA VAL A 796 21.05 7.28 -6.33
C VAL A 796 21.04 6.83 -4.88
N SER A 797 19.89 7.06 -4.21
CA SER A 797 19.72 6.72 -2.79
C SER A 797 20.00 5.23 -2.53
N ARG A 798 19.59 4.37 -3.45
CA ARG A 798 19.71 2.89 -3.24
C ARG A 798 20.96 2.37 -3.93
N SER A 799 21.82 3.26 -4.45
CA SER A 799 23.09 2.83 -5.02
C SER A 799 24.02 2.17 -3.99
N ASP A 800 24.61 1.04 -4.42
CA ASP A 800 25.54 0.26 -3.54
C ASP A 800 26.96 0.85 -3.57
N ARG A 801 27.11 1.96 -2.85
CA ARG A 801 28.28 2.77 -2.87
C ARG A 801 28.87 2.85 -1.44
N LYS A 802 30.18 2.67 -1.32
CA LYS A 802 30.83 2.85 -0.01
C LYS A 802 30.75 4.30 0.47
N ASP A 803 30.67 5.23 -0.48
CA ASP A 803 30.63 6.65 -0.19
C ASP A 803 29.19 7.17 -0.19
N ILE A 804 28.19 6.32 0.14
CA ILE A 804 26.79 6.78 0.11
C ILE A 804 26.44 7.97 0.99
N TYR A 805 27.05 8.07 2.18
CA TYR A 805 26.76 9.22 3.06
C TYR A 805 27.17 10.56 2.40
N GLU A 806 28.31 10.57 1.71
CA GLU A 806 28.80 11.75 1.01
C GLU A 806 27.89 12.02 -0.17
N ILE A 807 27.41 10.96 -0.85
CA ILE A 807 26.47 11.15 -1.95
C ILE A 807 25.11 11.74 -1.45
N LEU A 808 24.60 11.26 -0.33
CA LEU A 808 23.39 11.82 0.27
C LEU A 808 23.56 13.32 0.61
N LYS A 809 24.71 13.70 1.14
CA LYS A 809 25.02 15.10 1.37
C LYS A 809 24.95 15.92 0.08
N LYS A 810 25.48 15.33 -0.98
CA LYS A 810 25.52 15.98 -2.28
C LYS A 810 24.10 16.20 -2.80
N LEU A 811 23.23 15.18 -2.66
CA LEU A 811 21.84 15.32 -3.08
C LEU A 811 21.12 16.37 -2.25
N GLU A 812 21.33 16.35 -0.94
CA GLU A 812 20.76 17.37 -0.05
C GLU A 812 21.11 18.76 -0.52
N ASN A 813 22.37 18.97 -0.88
CA ASN A 813 22.88 20.32 -1.18
C ASN A 813 22.62 20.75 -2.59
N GLU A 814 22.61 19.83 -3.52
CA GLU A 814 22.48 20.19 -4.93
C GLU A 814 21.09 20.01 -5.52
N VAL A 815 20.26 19.11 -4.97
CA VAL A 815 18.99 18.76 -5.64
C VAL A 815 17.79 18.87 -4.73
N LEU A 816 17.84 18.27 -3.54
CA LEU A 816 16.72 18.32 -2.57
C LEU A 816 16.57 19.71 -2.02
N LYS A 817 17.67 20.26 -1.53
CA LYS A 817 17.68 21.58 -0.90
C LYS A 817 16.56 21.66 0.15
N ASP A 818 15.75 22.71 0.10
CA ASP A 818 14.74 22.97 1.14
C ASP A 818 13.38 22.41 0.72
N SER A 819 13.31 21.52 -0.28
CA SER A 819 11.99 21.02 -0.78
C SER A 819 11.13 20.50 0.36
N LYS A 820 9.84 20.86 0.32
CA LYS A 820 8.84 20.25 1.22
C LYS A 820 7.94 19.25 0.50
N ASN A 821 8.33 18.86 -0.73
CA ASN A 821 7.55 17.97 -1.54
C ASN A 821 7.82 16.58 -0.93
N PRO A 822 6.79 15.91 -0.38
CA PRO A 822 6.98 14.59 0.21
C PRO A 822 7.67 13.60 -0.77
N ASN A 823 7.38 13.70 -2.09
CA ASN A 823 8.02 12.82 -3.04
C ASN A 823 9.55 13.01 -3.09
N ASP A 824 10.00 14.24 -3.01
CA ASP A 824 11.43 14.51 -3.02
C ASP A 824 12.10 13.95 -1.77
N ILE A 825 11.49 14.19 -0.62
CA ILE A 825 12.07 13.77 0.67
C ILE A 825 12.13 12.26 0.76
N ARG A 826 11.00 11.60 0.41
CA ARG A 826 10.97 10.14 0.40
C ARG A 826 12.00 9.53 -0.57
N ALA A 827 12.16 10.12 -1.73
CA ALA A 827 13.07 9.65 -2.74
C ALA A 827 14.51 9.69 -2.28
N VAL A 828 14.89 10.73 -1.53
CA VAL A 828 16.29 10.86 -1.15
C VAL A 828 16.62 9.88 -0.04
N TYR A 829 15.71 9.70 0.92
CA TYR A 829 16.03 8.96 2.14
C TYR A 829 15.55 7.52 2.23
N LEU A 830 14.34 7.20 1.76
CA LEU A 830 13.82 5.84 2.05
C LEU A 830 14.60 4.72 1.38
N PRO A 831 14.96 4.88 0.11
CA PRO A 831 15.74 3.75 -0.49
C PRO A 831 17.05 3.45 0.23
N PHE A 832 17.74 4.50 0.56
CA PHE A 832 18.93 4.38 1.38
C PHE A 832 18.70 3.58 2.66
N THR A 833 17.53 3.72 3.33
CA THR A 833 17.29 3.00 4.58
C THR A 833 17.25 1.49 4.38
N ASN A 834 17.12 1.01 3.14
CA ASN A 834 17.20 -0.40 2.80
C ASN A 834 18.60 -0.87 2.49
N ASN A 835 19.61 -0.01 2.63
CA ASN A 835 21.01 -0.41 2.46
C ASN A 835 21.46 -1.07 3.75
N LEU A 836 21.44 -2.40 3.72
CA LEU A 836 21.71 -3.21 4.93
C LEU A 836 23.07 -2.89 5.58
N ARG A 837 24.14 -2.82 4.78
CA ARG A 837 25.44 -2.59 5.27
C ARG A 837 25.68 -1.15 5.73
N ARG A 838 25.14 -0.17 5.01
CA ARG A 838 25.41 1.22 5.33
C ARG A 838 24.41 1.89 6.27
N PHE A 839 23.11 1.64 6.12
CA PHE A 839 22.11 2.31 6.97
C PHE A 839 22.28 1.82 8.39
N HIS A 840 22.64 0.55 8.54
CA HIS A 840 22.88 -0.07 9.84
C HIS A 840 24.33 0.00 10.31
N ASP A 841 25.08 0.94 9.81
CA ASP A 841 26.44 1.15 10.26
C ASP A 841 26.47 1.11 11.81
N ILE A 842 27.40 0.37 12.34
CA ILE A 842 27.48 0.19 13.78
C ILE A 842 27.75 1.49 14.58
N SER A 843 28.27 2.54 13.97
CA SER A 843 28.36 3.88 14.58
C SER A 843 27.01 4.49 14.96
N GLY A 844 25.95 4.05 14.29
CA GLY A 844 24.59 4.57 14.50
C GLY A 844 24.36 5.81 13.65
N LYS A 845 25.30 6.14 12.75
CA LYS A 845 25.17 7.36 11.98
C LYS A 845 23.98 7.39 11.01
N GLY A 846 23.57 6.22 10.50
CA GLY A 846 22.40 6.08 9.66
C GLY A 846 21.12 6.33 10.44
N TYR A 847 21.10 5.88 11.71
CA TYR A 847 19.93 6.10 12.56
C TYR A 847 19.79 7.57 12.93
N LYS A 848 20.92 8.23 13.22
CA LYS A 848 20.96 9.65 13.54
C LYS A 848 20.52 10.47 12.33
N LEU A 849 20.96 10.13 11.14
CA LEU A 849 20.61 10.88 9.92
C LEU A 849 19.11 10.86 9.70
N ILE A 850 18.54 9.65 9.74
CA ILE A 850 17.10 9.52 9.43
C ILE A 850 16.32 10.16 10.59
N ALA A 851 16.76 10.03 11.84
CA ALA A 851 16.05 10.66 12.93
C ALA A 851 15.99 12.20 12.79
N GLU A 852 17.07 12.80 12.35
CA GLU A 852 17.10 14.26 12.14
C GLU A 852 16.13 14.64 11.05
N VAL A 853 16.06 13.85 9.97
CA VAL A 853 15.13 14.15 8.90
C VAL A 853 13.68 14.03 9.39
N ILE A 854 13.40 13.00 10.20
CA ILE A 854 12.08 12.78 10.75
C ILE A 854 11.64 13.99 11.59
N THR A 855 12.49 14.38 12.52
CA THR A 855 12.21 15.50 13.38
C THR A 855 12.01 16.84 12.63
N LYS A 856 12.91 17.11 11.64
CA LYS A 856 12.81 18.23 10.68
C LYS A 856 11.45 18.25 9.99
N THR A 857 11.08 17.08 9.50
CA THR A 857 9.94 16.96 8.66
C THR A 857 8.66 17.10 9.51
N ASP A 858 8.72 16.63 10.74
CA ASP A 858 7.57 16.64 11.64
C ASP A 858 7.10 18.07 11.97
N LYS A 859 7.96 19.07 11.81
CA LYS A 859 7.57 20.46 12.07
C LYS A 859 6.68 21.04 11.02
N PHE A 860 6.62 20.43 9.84
CA PHE A 860 5.61 20.85 8.84
C PHE A 860 4.67 19.78 8.26
N ASN A 861 5.06 18.51 8.30
CA ASN A 861 4.22 17.40 7.74
C ASN A 861 4.36 16.16 8.63
N PRO A 862 3.52 16.07 9.68
CA PRO A 862 3.52 14.92 10.60
C PRO A 862 3.31 13.55 9.91
N MET A 863 2.50 13.48 8.87
CA MET A 863 2.22 12.17 8.24
C MET A 863 3.48 11.69 7.55
N VAL A 864 4.17 12.59 6.86
CA VAL A 864 5.41 12.21 6.17
C VAL A 864 6.55 11.82 7.12
N ALA A 865 6.63 12.57 8.22
CA ALA A 865 7.59 12.29 9.30
C ALA A 865 7.37 10.84 9.82
N THR A 866 6.11 10.41 9.96
CA THR A 866 5.84 9.05 10.45
C THR A 866 6.20 8.01 9.40
N GLN A 867 5.95 8.36 8.13
CA GLN A 867 6.36 7.44 7.05
C GLN A 867 7.87 7.16 7.08
N LEU A 868 8.62 8.21 7.43
CA LEU A 868 10.06 8.19 7.45
C LEU A 868 10.60 7.35 8.59
N CYS A 869 9.72 7.06 9.57
CA CYS A 869 10.11 6.21 10.70
C CYS A 869 10.15 4.75 10.39
N GLU A 870 9.57 4.33 9.23
CA GLU A 870 9.53 2.91 8.77
C GLU A 870 10.75 2.06 9.16
N PRO A 871 12.00 2.54 8.91
CA PRO A 871 13.13 1.63 9.20
C PRO A 871 13.29 1.27 10.67
N PHE A 872 12.74 2.09 11.58
CA PHE A 872 12.86 1.81 12.99
C PHE A 872 11.90 0.69 13.46
N LYS A 873 10.97 0.23 12.59
CA LYS A 873 9.99 -0.72 12.98
C LYS A 873 10.57 -2.01 13.48
N LEU A 874 11.74 -2.35 12.94
CA LEU A 874 12.38 -3.61 13.29
C LEU A 874 13.37 -3.50 14.45
N TRP A 875 13.39 -2.37 15.18
CA TRP A 875 14.46 -2.14 16.17
C TRP A 875 14.71 -3.25 17.15
N ASN A 876 13.65 -3.88 17.62
CA ASN A 876 13.77 -4.88 18.72
C ASN A 876 14.12 -6.28 18.17
N LYS A 877 14.27 -6.40 16.86
CA LYS A 877 14.75 -7.62 16.22
C LYS A 877 16.26 -7.61 15.98
N LEU A 878 16.96 -6.51 16.21
CA LEU A 878 18.34 -6.36 15.88
C LEU A 878 19.24 -6.79 17.03
N ASP A 879 20.52 -6.94 16.74
CA ASP A 879 21.49 -7.22 17.80
C ASP A 879 21.40 -6.14 18.88
N THR A 880 21.85 -6.43 20.10
CA THR A 880 21.58 -5.46 21.19
C THR A 880 22.32 -4.09 21.08
N LYS A 881 23.46 -3.99 20.42
CA LYS A 881 24.08 -2.66 20.17
C LYS A 881 23.20 -1.75 19.26
N ARG A 882 22.69 -2.35 18.16
CA ARG A 882 21.77 -1.67 17.25
C ARG A 882 20.42 -1.37 17.86
N GLN A 883 19.90 -2.27 18.66
CA GLN A 883 18.71 -1.94 19.43
C GLN A 883 18.93 -0.68 20.28
N GLU A 884 20.04 -0.65 21.00
CA GLU A 884 20.35 0.52 21.84
C GLU A 884 20.47 1.82 21.04
N LEU A 885 21.13 1.79 19.91
CA LEU A 885 21.33 2.96 19.07
C LEU A 885 19.97 3.48 18.50
N MET A 886 19.14 2.58 18.04
CA MET A 886 17.82 2.95 17.49
C MET A 886 16.93 3.51 18.55
N LEU A 887 16.90 2.79 19.67
CA LEU A 887 16.17 3.23 20.83
C LEU A 887 16.58 4.64 21.28
N ASN A 888 17.87 4.90 21.30
CA ASN A 888 18.36 6.20 21.73
CA ASN A 888 18.34 6.22 21.73
C ASN A 888 17.79 7.31 20.82
N GLU A 889 17.83 7.08 19.50
CA GLU A 889 17.30 8.01 18.55
C GLU A 889 15.78 8.18 18.69
N MET A 890 15.02 7.09 18.88
CA MET A 890 13.58 7.14 19.06
C MET A 890 13.18 7.91 20.29
N ASN A 891 13.86 7.63 21.39
CA ASN A 891 13.60 8.41 22.61
C ASN A 891 14.00 9.92 22.49
N THR A 892 15.05 10.25 21.75
CA THR A 892 15.44 11.61 21.41
C THR A 892 14.34 12.28 20.59
N MET A 893 13.78 11.58 19.61
CA MET A 893 12.69 12.17 18.83
C MET A 893 11.48 12.45 19.69
N LEU A 894 11.21 11.52 20.60
CA LEU A 894 10.10 11.58 21.50
C LEU A 894 10.22 12.80 22.47
N GLN A 895 11.45 13.25 22.72
CA GLN A 895 11.71 14.41 23.60
C GLN A 895 11.58 15.79 22.85
N GLU A 896 11.30 15.80 21.54
CA GLU A 896 11.32 17.02 20.77
C GLU A 896 10.13 17.90 21.15
N PRO A 897 10.37 19.20 21.43
CA PRO A 897 9.21 19.99 21.78
C PRO A 897 8.31 20.17 20.57
N ASN A 898 7.01 20.16 20.87
CA ASN A 898 5.94 20.33 19.91
C ASN A 898 5.89 19.16 18.91
N ILE A 899 6.38 17.97 19.28
CA ILE A 899 6.18 16.73 18.46
C ILE A 899 4.71 16.56 18.16
N SER A 900 4.41 16.18 16.93
CA SER A 900 3.02 15.98 16.54
C SER A 900 2.39 14.87 17.29
N ASN A 901 1.06 14.86 17.36
CA ASN A 901 0.43 13.67 17.94
C ASN A 901 0.69 12.42 17.09
N ASN A 902 0.78 12.58 15.76
CA ASN A 902 1.08 11.41 14.88
C ASN A 902 2.35 10.73 15.22
N LEU A 903 3.42 11.52 15.31
CA LEU A 903 4.74 10.99 15.54
C LEU A 903 4.89 10.45 16.97
N LYS A 904 4.36 11.18 17.94
CA LYS A 904 4.38 10.77 19.34
C LYS A 904 3.64 9.44 19.56
N GLU A 905 2.45 9.29 18.98
CA GLU A 905 1.71 8.03 19.09
C GLU A 905 2.54 6.87 18.48
N TYR A 906 3.07 7.12 17.28
CA TYR A 906 3.80 6.09 16.56
C TYR A 906 4.96 5.61 17.40
N LEU A 907 5.76 6.56 17.86
CA LEU A 907 6.92 6.23 18.63
C LEU A 907 6.69 5.69 20.00
N LEU A 908 5.61 6.13 20.69
CA LEU A 908 5.30 5.55 21.96
C LEU A 908 4.84 4.07 21.76
N ARG A 909 4.07 3.82 20.72
CA ARG A 909 3.64 2.43 20.48
C ARG A 909 4.82 1.53 20.13
N LEU A 910 5.69 2.06 19.29
CA LEU A 910 6.78 1.28 18.72
C LEU A 910 7.77 0.92 19.84
N THR A 911 7.82 1.77 20.88
CA THR A 911 8.78 1.57 22.00
C THR A 911 8.18 1.00 23.29
N ASN A 912 7.02 0.38 23.15
CA ASN A 912 6.36 -0.40 24.20
C ASN A 912 5.90 0.52 25.31
N LYS A 913 5.68 1.81 24.99
CA LYS A 913 5.18 2.76 26.01
C LYS A 913 3.68 2.97 25.97
N LEU A 914 3.03 2.62 24.87
CA LEU A 914 1.58 2.84 24.69
C LEU A 914 0.99 1.63 24.02
ZN ZN B . -8.15 2.94 -0.61
MG MG C . 9.17 20.43 -7.32
MG MG D . -5.47 28.36 10.24
C1 GOL E . 24.09 -7.54 -6.61
O1 GOL E . 22.90 -6.74 -6.71
C2 GOL E . 23.68 -8.94 -6.21
O2 GOL E . 24.76 -9.89 -5.86
C3 GOL E . 22.75 -8.71 -5.05
O3 GOL E . 21.45 -8.37 -5.54
N 8KO F . -8.33 6.25 0.94
CA 8KO F . -6.88 6.05 0.70
CB 8KO F . -6.12 7.37 0.86
CG 8KO F . -5.64 7.68 2.26
CD2 8KO F . -6.29 8.61 3.04
CE2 8KO F . -5.78 8.93 4.32
CZ 8KO F . -4.69 8.28 4.83
CE1 8KO F . -4.03 7.33 4.06
CD1 8KO F . -4.51 7.06 2.77
C 8KO F . -6.81 5.53 -0.76
O 8KO F . -7.78 4.84 -1.26
C10 8KO F . -5.75 4.51 -0.74
O2 8KO F . -6.03 3.43 -0.25
N2 8KO F . -4.59 4.83 -1.34
C11 8KO F . -3.41 3.95 -1.43
C12 8KO F . -3.35 3.42 -2.84
C13 8KO F . -3.29 1.94 -3.05
C14 8KO F . -3.57 1.48 -4.45
C15 8KO F . -3.49 0.99 -1.90
C16 8KO F . -2.25 4.94 -1.30
O3 8KO F . -2.46 6.14 -1.37
N3 8KO F . -0.99 4.42 -1.16
O4 8KO F . 0.16 5.27 -1.10
#